data_5I5U
#
_entry.id   5I5U
#
_cell.length_a   69.074
_cell.length_b   105.995
_cell.length_c   107.462
_cell.angle_alpha   90.000
_cell.angle_beta   90.000
_cell.angle_gamma   90.000
#
_symmetry.space_group_name_H-M   'P 21 21 21'
#
loop_
_entity.id
_entity.type
_entity.pdbx_description
1 polymer 'Branched-chain-amino-acid aminotransferase, mitochondrial'
2 non-polymer "PYRIDOXAL-5'-PHOSPHATE"
3 non-polymer 2-hydroxy-N-[(1R)-1,2,3,4-tetrahydronaphthalen-1-yl]acetamide
4 non-polymer 'CHLORIDE ION'
5 non-polymer 1,2-ETHANEDIOL
6 non-polymer GLYCEROL
7 water water
#
_entity_poly.entity_id   1
_entity_poly.type   'polypeptide(L)'
_entity_poly.pdbx_seq_one_letter_code
;GSHMASSSFKAADLQLEMTQKPHKKPGPGEPLVFGKTFTDHMLMVEWNDKGWGQPRIQPFQNLTLHPASSSLHYSLQLFE
GMKAFKGKDQQVRLFRPWLNMDRMLRSAMRLCLPSFDKLELLECIRRLIEVDKDWVPDAAGTSLYVRPVLIGNEPSLGVS
QPTRALLFVILCPVGAYFPGGSVTPVSLLADPAFIRAWVGGVGNYKLGGNYGPTVLVQQEALKRGCEQVLWLYGPDHQLT
EVGTMNIFVYWTHEDGVLELVTPPLNGVILPGVVRQSLLDMAQTWGEFRVVERTITMKQLLRALEEGRVREVFGSGTACQ
VCPVHRILYKDRNLHIPTMENGPELILRFQKELKEIQYGIRAHEWMFPV
;
_entity_poly.pdbx_strand_id   A,B
#
# COMPACT_ATOMS: atom_id res chain seq x y z
N SER A 7 -24.64 -10.37 1.70
CA SER A 7 -25.50 -9.44 0.91
C SER A 7 -24.74 -8.83 -0.26
N SER A 8 -25.49 -8.23 -1.20
CA SER A 8 -24.91 -7.54 -2.34
C SER A 8 -25.85 -6.52 -2.95
N PHE A 9 -25.26 -5.60 -3.69
CA PHE A 9 -26.01 -4.67 -4.53
C PHE A 9 -26.55 -5.42 -5.74
N LYS A 10 -27.63 -4.94 -6.34
CA LYS A 10 -28.21 -5.64 -7.47
C LYS A 10 -28.28 -4.73 -8.66
N ALA A 11 -27.99 -5.31 -9.83
CA ALA A 11 -28.09 -4.61 -11.10
C ALA A 11 -29.52 -4.17 -11.36
N ALA A 12 -30.47 -4.98 -10.90
CA ALA A 12 -31.89 -4.64 -11.07
C ALA A 12 -32.22 -3.32 -10.39
N ASP A 13 -31.45 -2.97 -9.36
CA ASP A 13 -31.66 -1.74 -8.60
C ASP A 13 -30.86 -0.55 -9.15
N LEU A 14 -30.18 -0.73 -10.28
CA LEU A 14 -29.36 0.34 -10.84
C LEU A 14 -30.14 1.62 -11.02
N GLN A 15 -29.56 2.73 -10.56
CA GLN A 15 -30.14 4.05 -10.78
C GLN A 15 -29.28 4.64 -11.88
N LEU A 16 -29.86 5.33 -12.84
CA LEU A 16 -29.11 5.95 -13.94
C LEU A 16 -29.27 7.45 -13.90
N GLU A 17 -28.15 8.16 -13.86
CA GLU A 17 -28.13 9.59 -13.96
C GLU A 17 -27.27 9.94 -15.16
N MET A 18 -27.91 10.21 -16.30
CA MET A 18 -27.14 10.56 -17.50
C MET A 18 -26.55 11.93 -17.33
N THR A 19 -25.45 12.15 -18.04
CA THR A 19 -24.71 13.36 -17.91
C THR A 19 -25.40 14.44 -18.66
N GLN A 20 -25.24 15.67 -18.16
CA GLN A 20 -25.73 16.87 -18.80
C GLN A 20 -24.59 17.66 -19.43
N LYS A 21 -23.33 17.23 -19.19
CA LYS A 21 -22.14 17.87 -19.76
C LYS A 21 -21.23 16.86 -20.43
N PRO A 22 -21.59 16.37 -21.61
CA PRO A 22 -20.72 15.40 -22.27
C PRO A 22 -19.31 15.93 -22.57
N HIS A 23 -18.28 15.15 -22.22
CA HIS A 23 -16.88 15.44 -22.59
C HIS A 23 -16.73 15.35 -24.12
N LYS A 24 -15.86 16.19 -24.69
CA LYS A 24 -15.51 16.09 -26.12
C LYS A 24 -14.71 14.80 -26.29
N LYS A 25 -15.16 13.88 -27.13
CA LYS A 25 -14.39 12.64 -27.35
C LYS A 25 -13.05 12.95 -28.08
N PRO A 26 -12.07 12.04 -28.01
CA PRO A 26 -10.79 12.36 -28.66
C PRO A 26 -10.90 12.32 -30.19
N GLY A 27 -10.33 13.32 -30.85
CA GLY A 27 -10.39 13.43 -32.30
C GLY A 27 -9.25 12.71 -33.02
N PRO A 28 -9.17 12.92 -34.35
CA PRO A 28 -8.08 12.37 -35.15
C PRO A 28 -6.86 13.25 -35.03
N GLY A 29 -5.68 12.67 -35.08
CA GLY A 29 -4.44 13.41 -34.88
C GLY A 29 -4.26 13.71 -33.40
N GLU A 30 -4.97 12.96 -32.57
CA GLU A 30 -4.86 13.05 -31.12
C GLU A 30 -4.76 11.61 -30.62
N PRO A 31 -3.53 11.10 -30.49
CA PRO A 31 -3.32 9.72 -30.08
C PRO A 31 -3.70 9.50 -28.63
N LEU A 32 -4.18 8.30 -28.34
CA LEU A 32 -4.65 7.94 -27.00
C LEU A 32 -3.47 7.67 -26.06
N VAL A 33 -3.43 8.39 -24.95
CA VAL A 33 -2.41 8.19 -23.93
C VAL A 33 -3.09 7.31 -22.88
N PHE A 34 -2.42 6.23 -22.49
CA PHE A 34 -3.06 5.25 -21.63
C PHE A 34 -3.43 5.85 -20.28
N GLY A 35 -4.71 5.72 -19.92
CA GLY A 35 -5.21 6.09 -18.61
C GLY A 35 -5.37 7.57 -18.33
N LYS A 36 -5.28 8.42 -19.34
CA LYS A 36 -5.42 9.85 -19.14
C LYS A 36 -6.77 10.38 -19.57
N THR A 37 -7.49 9.63 -20.42
CA THR A 37 -8.78 10.06 -20.95
C THR A 37 -9.93 9.25 -20.38
N PHE A 38 -10.91 9.94 -19.83
CA PHE A 38 -12.03 9.24 -19.18
C PHE A 38 -13.35 9.44 -19.91
N THR A 39 -14.21 8.42 -19.84
CA THR A 39 -15.56 8.52 -20.45
C THR A 39 -16.48 9.37 -19.59
N ASP A 40 -17.71 9.57 -20.06
CA ASP A 40 -18.66 10.49 -19.41
C ASP A 40 -19.29 9.96 -18.15
N HIS A 41 -19.28 8.65 -17.95
CA HIS A 41 -19.96 8.07 -16.79
C HIS A 41 -19.08 7.13 -15.93
N MET A 42 -19.55 6.90 -14.70
CA MET A 42 -18.88 6.03 -13.78
C MET A 42 -19.89 5.18 -13.03
N LEU A 43 -19.44 4.03 -12.55
CA LEU A 43 -20.27 3.25 -11.64
C LEU A 43 -19.89 3.69 -10.24
N MET A 44 -20.84 3.61 -9.31
CA MET A 44 -20.60 4.00 -7.94
C MET A 44 -21.55 3.24 -7.04
N VAL A 45 -21.01 2.57 -6.03
CA VAL A 45 -21.81 1.84 -5.06
C VAL A 45 -21.16 2.04 -3.70
N GLU A 46 -21.97 2.32 -2.70
CA GLU A 46 -21.47 2.55 -1.35
C GLU A 46 -21.93 1.44 -0.44
N TRP A 47 -21.10 1.12 0.54
CA TRP A 47 -21.42 0.11 1.54
C TRP A 47 -21.27 0.76 2.90
N ASN A 48 -22.04 0.27 3.88
CA ASN A 48 -21.94 0.72 5.28
C ASN A 48 -22.58 -0.30 6.24
N ASP A 49 -22.96 0.14 7.44
CA ASP A 49 -23.58 -0.77 8.43
C ASP A 49 -24.92 -1.34 7.95
N LYS A 50 -25.65 -0.59 7.13
CA LYS A 50 -26.92 -1.08 6.53
C LYS A 50 -26.72 -1.99 5.30
N GLY A 51 -25.47 -2.34 4.99
CA GLY A 51 -25.13 -3.17 3.82
C GLY A 51 -24.80 -2.37 2.57
N TRP A 52 -24.94 -3.01 1.41
CA TRP A 52 -24.67 -2.32 0.16
C TRP A 52 -25.82 -1.44 -0.19
N GLY A 53 -25.55 -0.20 -0.54
CA GLY A 53 -26.56 0.71 -1.03
C GLY A 53 -26.99 0.34 -2.45
N GLN A 54 -27.59 1.30 -3.15
CA GLN A 54 -28.05 1.01 -4.50
C GLN A 54 -26.96 1.42 -5.47
N PRO A 55 -26.76 0.61 -6.52
CA PRO A 55 -25.71 0.97 -7.47
C PRO A 55 -26.19 2.04 -8.40
N ARG A 56 -25.30 2.97 -8.78
CA ARG A 56 -25.67 3.98 -9.75
C ARG A 56 -24.60 4.29 -10.81
N ILE A 57 -25.10 4.53 -12.02
CA ILE A 57 -24.28 4.96 -13.13
C ILE A 57 -24.51 6.46 -13.17
N GLN A 58 -23.47 7.24 -12.99
CA GLN A 58 -23.68 8.66 -12.86
C GLN A 58 -22.62 9.41 -13.66
N PRO A 59 -22.75 10.74 -13.78
CA PRO A 59 -21.69 11.44 -14.48
C PRO A 59 -20.33 11.22 -13.82
N PHE A 60 -19.29 11.24 -14.63
CA PHE A 60 -17.94 11.14 -14.14
C PHE A 60 -17.76 12.34 -13.22
N GLN A 61 -17.49 12.08 -11.95
CA GLN A 61 -17.28 13.17 -10.99
C GLN A 61 -16.27 12.80 -9.89
N ASN A 62 -15.76 13.83 -9.24
CA ASN A 62 -14.85 13.70 -8.11
C ASN A 62 -15.44 12.91 -6.96
N LEU A 63 -14.57 12.35 -6.13
CA LEU A 63 -15.02 11.66 -4.91
C LEU A 63 -14.95 12.65 -3.75
N THR A 64 -15.80 12.44 -2.77
CA THR A 64 -15.82 13.26 -1.59
C THR A 64 -15.46 12.33 -0.46
N LEU A 65 -14.30 12.56 0.15
CA LEU A 65 -13.78 11.69 1.17
C LEU A 65 -13.46 12.41 2.48
N HIS A 66 -13.91 11.81 3.56
CA HIS A 66 -13.53 12.24 4.90
C HIS A 66 -11.99 12.21 5.00
N PRO A 67 -11.39 13.17 5.71
CA PRO A 67 -9.93 13.25 5.78
C PRO A 67 -9.27 12.10 6.49
N ALA A 68 -9.99 11.38 7.34
CA ALA A 68 -9.49 10.19 8.00
C ALA A 68 -9.80 8.92 7.23
N SER A 69 -10.25 9.04 5.98
CA SER A 69 -10.65 7.87 5.20
C SER A 69 -9.57 6.79 5.22
N SER A 70 -9.90 5.60 5.69
CA SER A 70 -8.88 4.53 5.77
C SER A 70 -8.23 4.21 4.41
N SER A 71 -8.89 4.58 3.32
CA SER A 71 -8.34 4.34 2.00
C SER A 71 -7.06 5.13 1.77
N LEU A 72 -6.95 6.26 2.48
CA LEU A 72 -5.82 7.18 2.33
C LEU A 72 -4.71 7.04 3.38
N HIS A 73 -5.08 6.51 4.53
CA HIS A 73 -4.10 6.34 5.63
C HIS A 73 -3.49 4.94 5.71
N TYR A 74 -4.30 3.90 5.52
CA TYR A 74 -3.83 2.52 5.70
C TYR A 74 -4.05 1.66 4.46
N SER A 75 -4.17 2.33 3.33
CA SER A 75 -4.18 1.72 2.02
C SER A 75 -5.20 0.63 1.87
N LEU A 76 -6.40 0.87 2.39
CA LEU A 76 -7.51 -0.06 2.20
C LEU A 76 -8.08 0.25 0.81
N GLN A 77 -7.38 -0.32 -0.17
CA GLN A 77 -7.67 -0.08 -1.56
C GLN A 77 -7.19 -1.23 -2.43
N LEU A 78 -8.01 -1.56 -3.42
CA LEU A 78 -7.67 -2.56 -4.40
C LEU A 78 -8.28 -2.14 -5.73
N PHE A 79 -7.79 -2.71 -6.81
CA PHE A 79 -8.30 -2.33 -8.11
C PHE A 79 -8.24 -3.48 -9.07
N GLU A 80 -8.92 -3.29 -10.21
CA GLU A 80 -8.88 -4.26 -11.28
C GLU A 80 -8.61 -3.53 -12.58
N GLY A 81 -8.44 -4.32 -13.62
CA GLY A 81 -8.14 -3.81 -14.95
C GLY A 81 -8.46 -4.86 -15.99
N MET A 82 -9.36 -4.53 -16.91
CA MET A 82 -9.74 -5.43 -17.97
C MET A 82 -10.13 -4.63 -19.19
N LYS A 83 -10.33 -5.29 -20.31
CA LYS A 83 -10.63 -4.59 -21.54
C LYS A 83 -11.98 -4.93 -22.20
N ALA A 84 -12.51 -3.92 -22.88
CA ALA A 84 -13.68 -4.08 -23.72
C ALA A 84 -13.19 -3.82 -25.13
N PHE A 85 -13.52 -4.72 -26.05
CA PHE A 85 -13.13 -4.58 -27.44
C PHE A 85 -14.38 -4.49 -28.30
N LYS A 86 -14.35 -3.52 -29.23
CA LYS A 86 -15.41 -3.34 -30.25
C LYS A 86 -14.96 -4.05 -31.54
N GLY A 87 -15.64 -5.13 -31.91
CA GLY A 87 -15.37 -5.83 -33.18
C GLY A 87 -15.89 -5.05 -34.39
N LYS A 88 -15.49 -5.47 -35.59
CA LYS A 88 -15.90 -4.79 -36.84
C LYS A 88 -17.42 -4.55 -36.96
N ASP A 89 -18.23 -5.47 -36.44
CA ASP A 89 -19.70 -5.30 -36.46
C ASP A 89 -20.22 -4.26 -35.49
N GLN A 90 -19.32 -3.65 -34.70
CA GLN A 90 -19.64 -2.63 -33.68
C GLN A 90 -20.15 -3.20 -32.36
N GLN A 91 -20.22 -4.53 -32.27
CA GLN A 91 -20.55 -5.21 -31.03
C GLN A 91 -19.35 -5.12 -30.05
N VAL A 92 -19.61 -4.77 -28.79
CA VAL A 92 -18.57 -4.64 -27.78
C VAL A 92 -18.51 -5.85 -26.87
N ARG A 93 -17.30 -6.34 -26.60
CA ARG A 93 -17.14 -7.52 -25.78
C ARG A 93 -16.03 -7.37 -24.76
N LEU A 94 -16.28 -7.94 -23.57
CA LEU A 94 -15.30 -7.98 -22.51
C LEU A 94 -14.54 -9.29 -22.56
N PHE A 95 -13.24 -9.23 -22.32
CA PHE A 95 -12.38 -10.40 -22.30
C PHE A 95 -12.30 -11.05 -20.92
N ARG A 96 -12.85 -12.26 -20.80
CA ARG A 96 -12.80 -13.06 -19.58
C ARG A 96 -13.04 -12.30 -18.28
N PRO A 97 -14.06 -11.42 -18.28
CA PRO A 97 -14.31 -10.56 -17.12
C PRO A 97 -14.56 -11.32 -15.82
N TRP A 98 -15.15 -12.50 -15.92
CA TRP A 98 -15.44 -13.29 -14.74
C TRP A 98 -14.21 -13.45 -13.89
N LEU A 99 -13.06 -13.61 -14.54
CA LEU A 99 -11.80 -13.83 -13.85
C LEU A 99 -11.34 -12.58 -13.11
N ASN A 100 -11.63 -11.41 -13.65
CA ASN A 100 -11.32 -10.15 -12.96
C ASN A 100 -12.22 -9.98 -11.74
N MET A 101 -13.46 -10.46 -11.85
CA MET A 101 -14.37 -10.36 -10.73
C MET A 101 -13.89 -11.30 -9.66
N ASP A 102 -13.45 -12.51 -10.07
CA ASP A 102 -12.92 -13.48 -9.10
C ASP A 102 -11.74 -12.87 -8.35
N ARG A 103 -10.88 -12.18 -9.08
CA ARG A 103 -9.66 -11.63 -8.50
C ARG A 103 -9.94 -10.38 -7.63
N MET A 104 -10.97 -9.63 -7.98
CA MET A 104 -11.33 -8.47 -7.22
C MET A 104 -11.89 -8.86 -5.85
N LEU A 105 -12.69 -9.90 -5.82
CA LEU A 105 -13.30 -10.38 -4.58
C LEU A 105 -12.22 -10.97 -3.65
N ARG A 106 -11.25 -11.69 -4.24
CA ARG A 106 -10.12 -12.21 -3.47
C ARG A 106 -9.32 -11.04 -2.84
N SER A 107 -9.06 -10.00 -3.61
CA SER A 107 -8.39 -8.83 -3.09
C SER A 107 -9.22 -8.23 -1.93
N ALA A 108 -10.52 -8.10 -2.13
CA ALA A 108 -11.42 -7.52 -1.13
C ALA A 108 -11.40 -8.29 0.17
N MET A 109 -11.38 -9.61 0.09
CA MET A 109 -11.36 -10.41 1.27
C MET A 109 -10.00 -10.26 1.97
N ARG A 110 -8.91 -10.18 1.22
CA ARG A 110 -7.58 -10.02 1.82
C ARG A 110 -7.46 -8.72 2.64
N LEU A 111 -8.12 -7.67 2.19
CA LEU A 111 -8.16 -6.39 2.91
C LEU A 111 -9.42 -6.19 3.80
N CYS A 112 -10.17 -7.25 4.04
CA CYS A 112 -11.36 -7.16 4.90
C CYS A 112 -12.38 -6.16 4.40
N LEU A 113 -12.41 -5.95 3.09
CA LEU A 113 -13.38 -5.07 2.51
C LEU A 113 -14.65 -5.87 2.19
N PRO A 114 -15.78 -5.18 1.99
CA PRO A 114 -17.00 -5.93 1.77
C PRO A 114 -17.05 -6.78 0.51
N SER A 115 -17.60 -7.96 0.67
CA SER A 115 -17.81 -8.87 -0.42
C SER A 115 -19.00 -8.39 -1.25
N PHE A 116 -19.11 -8.89 -2.46
CA PHE A 116 -20.21 -8.54 -3.36
C PHE A 116 -20.46 -9.71 -4.30
N ASP A 117 -21.54 -9.63 -5.10
CA ASP A 117 -21.85 -10.69 -6.07
C ASP A 117 -21.19 -10.37 -7.40
N LYS A 118 -20.31 -11.25 -7.86
CA LYS A 118 -19.54 -11.03 -9.07
C LYS A 118 -20.37 -10.81 -10.34
N LEU A 119 -21.38 -11.64 -10.50
CA LEU A 119 -22.28 -11.52 -11.63
C LEU A 119 -23.09 -10.22 -11.56
N GLU A 120 -23.41 -9.75 -10.35
CA GLU A 120 -24.06 -8.44 -10.24
C GLU A 120 -23.13 -7.29 -10.61
N LEU A 121 -21.87 -7.31 -10.13
CA LEU A 121 -20.94 -6.23 -10.51
C LEU A 121 -20.73 -6.24 -12.02
N LEU A 122 -20.54 -7.44 -12.55
CA LEU A 122 -20.32 -7.58 -13.99
C LEU A 122 -21.47 -6.96 -14.79
N GLU A 123 -22.71 -7.23 -14.38
CA GLU A 123 -23.87 -6.64 -15.05
C GLU A 123 -23.82 -5.12 -14.97
N CYS A 124 -23.50 -4.61 -13.78
CA CYS A 124 -23.40 -3.16 -13.60
C CYS A 124 -22.32 -2.64 -14.53
N ILE A 125 -21.20 -3.35 -14.59
CA ILE A 125 -20.11 -2.93 -15.49
C ILE A 125 -20.58 -2.96 -16.94
N ARG A 126 -21.29 -4.01 -17.35
CA ARG A 126 -21.88 -4.07 -18.69
C ARG A 126 -22.80 -2.88 -18.91
N ARG A 127 -23.68 -2.61 -17.95
CA ARG A 127 -24.62 -1.49 -18.07
C ARG A 127 -23.87 -0.20 -18.21
N LEU A 128 -22.76 -0.08 -17.50
CA LEU A 128 -21.94 1.12 -17.58
C LEU A 128 -21.34 1.29 -18.96
N ILE A 129 -20.78 0.21 -19.50
CA ILE A 129 -20.10 0.29 -20.79
C ILE A 129 -21.14 0.56 -21.89
N GLU A 130 -22.34 -0.01 -21.75
CA GLU A 130 -23.43 0.21 -22.68
C GLU A 130 -23.78 1.69 -22.78
N VAL A 131 -23.80 2.36 -21.64
CA VAL A 131 -24.07 3.81 -21.62
C VAL A 131 -22.98 4.58 -22.37
N ASP A 132 -21.72 4.22 -22.10
CA ASP A 132 -20.59 4.85 -22.75
C ASP A 132 -20.07 4.06 -23.96
N LYS A 133 -20.95 3.34 -24.64
CA LYS A 133 -20.56 2.52 -25.79
C LYS A 133 -19.83 3.30 -26.89
N ASP A 134 -20.23 4.54 -27.16
CA ASP A 134 -19.59 5.32 -28.21
C ASP A 134 -18.18 5.77 -27.84
N TRP A 135 -17.78 5.55 -26.60
CA TRP A 135 -16.44 5.87 -26.16
C TRP A 135 -15.46 4.79 -26.57
N VAL A 136 -15.97 3.59 -26.81
CA VAL A 136 -15.12 2.44 -27.17
C VAL A 136 -14.58 2.60 -28.56
N PRO A 137 -13.26 2.75 -28.71
CA PRO A 137 -12.68 2.92 -30.04
C PRO A 137 -12.76 1.62 -30.85
N ASP A 138 -12.59 1.73 -32.18
CA ASP A 138 -12.66 0.56 -33.06
C ASP A 138 -11.43 0.38 -33.93
N ALA A 139 -10.54 1.35 -33.94
CA ALA A 139 -9.28 1.22 -34.67
C ALA A 139 -8.50 -0.01 -34.17
N ALA A 140 -7.64 -0.55 -35.05
CA ALA A 140 -6.82 -1.72 -34.73
C ALA A 140 -5.98 -1.44 -33.49
N GLY A 141 -5.96 -2.40 -32.57
CA GLY A 141 -5.18 -2.28 -31.34
C GLY A 141 -5.69 -1.24 -30.36
N THR A 142 -6.96 -0.86 -30.50
CA THR A 142 -7.58 0.04 -29.54
C THR A 142 -8.63 -0.73 -28.78
N SER A 143 -8.90 -0.26 -27.56
CA SER A 143 -9.86 -0.89 -26.70
C SER A 143 -10.36 0.11 -25.67
N LEU A 144 -11.26 -0.34 -24.79
CA LEU A 144 -11.71 0.45 -23.65
C LEU A 144 -11.24 -0.21 -22.36
N TYR A 145 -10.30 0.45 -21.68
CA TYR A 145 -9.76 -0.02 -20.41
C TYR A 145 -10.71 0.32 -19.27
N VAL A 146 -11.09 -0.71 -18.53
CA VAL A 146 -12.07 -0.66 -17.47
C VAL A 146 -11.35 -0.87 -16.12
N ARG A 147 -11.49 0.11 -15.22
CA ARG A 147 -10.86 0.16 -13.91
C ARG A 147 -11.84 0.16 -12.72
N PRO A 148 -12.22 -1.03 -12.24
CA PRO A 148 -12.97 -1.09 -11.01
C PRO A 148 -12.04 -0.81 -9.84
N VAL A 149 -12.60 -0.31 -8.75
CA VAL A 149 -11.87 0.03 -7.55
C VAL A 149 -12.79 -0.23 -6.36
N LEU A 150 -12.22 -0.74 -5.28
CA LEU A 150 -12.90 -0.92 -4.02
C LEU A 150 -11.94 -0.35 -2.96
N ILE A 151 -12.45 0.59 -2.15
CA ILE A 151 -11.68 1.25 -1.11
C ILE A 151 -12.44 1.31 0.21
N GLY A 152 -11.69 1.19 1.31
CA GLY A 152 -12.24 1.37 2.64
C GLY A 152 -12.52 2.84 2.79
N ASN A 153 -13.45 3.20 3.66
CA ASN A 153 -13.84 4.59 3.80
C ASN A 153 -14.29 4.90 5.22
N GLU A 154 -13.57 4.33 6.18
CA GLU A 154 -13.80 4.57 7.60
C GLU A 154 -13.26 5.95 7.95
N PRO A 155 -14.07 6.79 8.61
CA PRO A 155 -13.57 8.10 9.01
C PRO A 155 -12.91 8.03 10.43
N SER A 156 -12.00 7.09 10.58
CA SER A 156 -11.37 6.77 11.86
C SER A 156 -9.92 6.36 11.64
N LEU A 157 -9.04 6.86 12.49
CA LEU A 157 -7.60 6.59 12.37
C LEU A 157 -7.23 5.24 12.99
N GLY A 158 -8.19 4.51 13.53
CA GLY A 158 -7.94 3.13 13.98
C GLY A 158 -7.67 2.23 12.77
N VAL A 159 -6.74 1.27 12.93
CA VAL A 159 -6.42 0.29 11.88
C VAL A 159 -7.33 -0.89 12.14
N SER A 160 -8.38 -1.04 11.32
CA SER A 160 -9.44 -2.03 11.60
C SER A 160 -10.30 -2.31 10.39
N GLN A 161 -11.10 -3.38 10.47
CA GLN A 161 -12.03 -3.73 9.39
C GLN A 161 -12.98 -2.57 9.23
N PRO A 162 -13.10 -2.04 8.00
CA PRO A 162 -13.92 -0.84 7.91
C PRO A 162 -15.41 -1.16 7.96
N THR A 163 -16.16 -0.15 8.33
CA THR A 163 -17.59 -0.22 8.46
C THR A 163 -18.26 0.43 7.27
N ARG A 164 -17.45 1.10 6.45
CA ARG A 164 -17.92 1.76 5.25
C ARG A 164 -16.93 1.51 4.12
N ALA A 165 -17.44 1.27 2.93
CA ALA A 165 -16.60 1.17 1.74
C ALA A 165 -17.26 1.87 0.55
N LEU A 166 -16.52 1.93 -0.55
CA LEU A 166 -16.97 2.58 -1.75
C LEU A 166 -16.43 1.76 -2.91
N LEU A 167 -17.34 1.34 -3.80
CA LEU A 167 -16.95 0.60 -5.00
C LEU A 167 -17.28 1.49 -6.19
N PHE A 168 -16.30 1.68 -7.07
CA PHE A 168 -16.54 2.48 -8.24
C PHE A 168 -15.76 1.97 -9.45
N VAL A 169 -16.22 2.38 -10.62
CA VAL A 169 -15.63 1.93 -11.86
C VAL A 169 -15.57 3.09 -12.81
N ILE A 170 -14.40 3.27 -13.43
CA ILE A 170 -14.18 4.30 -14.43
C ILE A 170 -13.63 3.66 -15.71
N LEU A 171 -13.78 4.36 -16.84
CA LEU A 171 -13.45 3.83 -18.16
C LEU A 171 -12.58 4.76 -18.94
N CYS A 172 -11.62 4.19 -19.68
CA CYS A 172 -10.68 4.95 -20.51
C CYS A 172 -10.60 4.33 -21.89
N PRO A 173 -10.86 5.13 -22.93
CA PRO A 173 -10.52 4.59 -24.23
C PRO A 173 -9.00 4.55 -24.33
N VAL A 174 -8.43 3.41 -24.73
CA VAL A 174 -6.98 3.35 -24.88
C VAL A 174 -6.54 2.85 -26.26
N GLY A 175 -5.29 3.14 -26.59
CA GLY A 175 -4.62 2.62 -27.78
C GLY A 175 -3.54 1.68 -27.26
N ALA A 176 -2.27 2.09 -27.42
CA ALA A 176 -1.12 1.32 -26.92
C ALA A 176 -0.69 1.76 -25.52
N TYR A 177 -0.05 0.85 -24.78
CA TYR A 177 0.44 1.16 -23.44
C TYR A 177 1.85 1.76 -23.52
N PHE A 178 2.76 1.02 -24.16
CA PHE A 178 4.13 1.51 -24.43
C PHE A 178 4.11 2.24 -25.77
N PRO A 179 5.08 3.15 -26.00
CA PRO A 179 5.20 3.79 -27.32
C PRO A 179 5.61 2.74 -28.36
N GLY A 180 4.81 2.57 -29.41
CA GLY A 180 5.03 1.48 -30.35
C GLY A 180 5.15 0.18 -29.55
N GLY A 181 4.12 -0.09 -28.75
CA GLY A 181 4.13 -1.22 -27.81
C GLY A 181 3.66 -2.55 -28.37
N SER A 182 4.16 -3.64 -27.78
CA SER A 182 3.87 -5.03 -28.20
C SER A 182 4.53 -5.42 -29.53
N VAL A 183 4.93 -4.42 -30.31
CA VAL A 183 5.58 -4.65 -31.57
C VAL A 183 7.07 -4.48 -31.31
N THR A 184 7.43 -3.34 -30.75
CA THR A 184 8.81 -3.02 -30.45
C THR A 184 9.16 -3.60 -29.06
N PRO A 185 10.26 -4.32 -28.98
CA PRO A 185 10.62 -4.94 -27.72
C PRO A 185 11.14 -3.95 -26.70
N VAL A 186 11.27 -4.41 -25.45
CA VAL A 186 11.68 -3.55 -24.35
C VAL A 186 12.92 -4.07 -23.62
N SER A 187 13.55 -3.18 -22.88
CA SER A 187 14.74 -3.50 -22.12
C SER A 187 14.37 -3.55 -20.63
N LEU A 188 15.08 -4.41 -19.88
CA LEU A 188 14.79 -4.61 -18.47
C LEU A 188 16.01 -4.46 -17.58
N LEU A 189 15.81 -3.77 -16.46
CA LEU A 189 16.80 -3.71 -15.41
C LEU A 189 16.47 -4.81 -14.43
N ALA A 190 17.39 -5.75 -14.28
CA ALA A 190 17.26 -6.85 -13.31
C ALA A 190 18.34 -6.71 -12.25
N ASP A 191 18.00 -6.00 -11.19
CA ASP A 191 18.88 -5.80 -10.04
C ASP A 191 18.23 -6.43 -8.80
N PRO A 192 18.92 -7.36 -8.14
CA PRO A 192 18.30 -8.07 -6.99
C PRO A 192 18.08 -7.25 -5.71
N ALA A 193 18.52 -5.99 -5.71
CA ALA A 193 18.24 -5.09 -4.59
C ALA A 193 16.75 -4.74 -4.46
N PHE A 194 16.02 -4.89 -5.56
CA PHE A 194 14.61 -4.54 -5.59
C PHE A 194 13.71 -5.76 -5.42
N ILE A 195 12.85 -5.70 -4.41
CA ILE A 195 11.85 -6.74 -4.16
C ILE A 195 10.41 -6.19 -4.34
N ARG A 196 9.63 -6.84 -5.21
CA ARG A 196 8.27 -6.41 -5.47
C ARG A 196 7.32 -6.96 -4.42
N ALA A 197 7.58 -8.21 -4.06
CA ALA A 197 6.71 -8.96 -3.18
C ALA A 197 7.49 -10.09 -2.51
N TRP A 198 6.94 -10.64 -1.43
CA TRP A 198 7.60 -11.75 -0.73
C TRP A 198 6.57 -12.82 -0.36
N VAL A 199 7.04 -14.04 -0.26
CA VAL A 199 6.20 -15.16 0.16
C VAL A 199 5.55 -14.83 1.50
N GLY A 200 4.23 -14.96 1.61
CA GLY A 200 3.54 -14.56 2.85
C GLY A 200 3.11 -13.10 2.85
N GLY A 201 3.51 -12.35 1.82
CA GLY A 201 3.07 -10.96 1.59
C GLY A 201 1.75 -10.95 0.84
N VAL A 202 1.53 -9.89 0.04
CA VAL A 202 0.27 -9.68 -0.68
C VAL A 202 0.48 -9.35 -2.15
N GLY A 203 1.63 -9.76 -2.69
CA GLY A 203 2.00 -9.49 -4.07
C GLY A 203 1.07 -10.18 -5.07
N ASN A 204 0.41 -11.24 -4.61
CA ASN A 204 -0.50 -12.01 -5.45
C ASN A 204 -1.94 -11.46 -5.46
N TYR A 205 -2.14 -10.27 -4.88
CA TYR A 205 -3.41 -9.56 -4.92
C TYR A 205 -3.13 -8.22 -5.60
N LYS A 206 -4.11 -7.69 -6.32
CA LYS A 206 -3.97 -6.42 -7.03
C LYS A 206 -4.40 -5.30 -6.09
N LEU A 207 -3.49 -4.99 -5.16
CA LEU A 207 -3.75 -4.02 -4.10
C LEU A 207 -2.91 -2.78 -4.34
N GLY A 208 -3.49 -1.59 -4.15
CA GLY A 208 -2.75 -0.33 -4.33
C GLY A 208 -1.34 -0.31 -3.74
N GLY A 209 -1.19 -0.88 -2.55
CA GLY A 209 0.08 -0.86 -1.81
C GLY A 209 1.28 -1.49 -2.49
N ASN A 210 1.01 -2.43 -3.41
CA ASN A 210 2.05 -3.13 -4.14
C ASN A 210 2.69 -2.24 -5.19
N TYR A 211 2.00 -1.18 -5.61
CA TYR A 211 2.46 -0.40 -6.77
C TYR A 211 3.22 0.90 -6.45
N GLY A 212 2.84 1.59 -5.39
CA GLY A 212 3.48 2.84 -5.03
C GLY A 212 4.97 2.75 -4.78
N PRO A 213 5.42 1.70 -4.13
CA PRO A 213 6.86 1.58 -3.89
C PRO A 213 7.67 1.30 -5.16
N THR A 214 7.03 0.84 -6.23
CA THR A 214 7.74 0.55 -7.47
C THR A 214 8.10 1.79 -8.28
N VAL A 215 7.47 2.93 -8.00
CA VAL A 215 7.69 4.14 -8.80
C VAL A 215 9.16 4.57 -8.79
N LEU A 216 9.76 4.56 -7.62
CA LEU A 216 11.15 4.92 -7.50
C LEU A 216 12.05 3.96 -8.23
N VAL A 217 11.65 2.69 -8.23
CA VAL A 217 12.44 1.66 -8.89
C VAL A 217 12.34 1.84 -10.41
N GLN A 218 11.16 2.18 -10.90
CA GLN A 218 10.95 2.43 -12.31
C GLN A 218 11.86 3.57 -12.75
N GLN A 219 11.93 4.63 -11.92
CA GLN A 219 12.86 5.73 -12.18
C GLN A 219 14.32 5.28 -12.24
N GLU A 220 14.69 4.32 -11.41
CA GLU A 220 16.05 3.79 -11.42
C GLU A 220 16.34 2.99 -12.71
N ALA A 221 15.32 2.33 -13.26
CA ALA A 221 15.49 1.62 -14.54
C ALA A 221 15.70 2.62 -15.68
N LEU A 222 14.92 3.70 -15.67
CA LEU A 222 15.15 4.73 -16.68
C LEU A 222 16.57 5.23 -16.55
N LYS A 223 16.94 5.76 -15.39
CA LYS A 223 18.31 6.23 -15.16
C LYS A 223 19.37 5.27 -15.65
N ARG A 224 19.12 3.97 -15.60
CA ARG A 224 20.14 3.03 -16.05
C ARG A 224 19.92 2.55 -17.49
N GLY A 225 19.09 3.27 -18.24
CA GLY A 225 18.88 3.00 -19.66
C GLY A 225 17.94 1.86 -20.01
N CYS A 226 17.13 1.42 -19.05
CA CYS A 226 16.17 0.35 -19.26
C CYS A 226 14.75 0.92 -19.23
N GLU A 227 13.81 0.29 -19.90
CA GLU A 227 12.41 0.76 -19.95
C GLU A 227 11.53 0.18 -18.86
N GLN A 228 11.93 -0.98 -18.34
CA GLN A 228 11.12 -1.73 -17.40
C GLN A 228 11.98 -2.37 -16.32
N VAL A 229 11.32 -2.79 -15.25
CA VAL A 229 11.97 -3.52 -14.17
C VAL A 229 11.66 -5.01 -14.25
N LEU A 230 12.71 -5.82 -14.32
CA LEU A 230 12.60 -7.26 -14.16
C LEU A 230 12.74 -7.58 -12.68
N TRP A 231 11.64 -7.91 -12.00
CA TRP A 231 11.66 -8.12 -10.54
C TRP A 231 12.21 -9.48 -10.12
N LEU A 232 13.36 -9.47 -9.45
CA LEU A 232 14.01 -10.71 -9.00
C LEU A 232 13.64 -11.02 -7.56
N TYR A 233 13.66 -12.28 -7.22
CA TYR A 233 13.29 -12.68 -5.88
C TYR A 233 14.09 -13.89 -5.48
N GLY A 234 14.49 -13.94 -4.22
CA GLY A 234 15.18 -15.11 -3.69
C GLY A 234 16.68 -15.12 -3.94
N PRO A 235 17.41 -15.94 -3.17
CA PRO A 235 18.88 -16.05 -3.27
C PRO A 235 19.33 -16.44 -4.67
N ASP A 236 18.58 -17.36 -5.29
CA ASP A 236 18.83 -17.82 -6.64
C ASP A 236 18.23 -16.90 -7.76
N HIS A 237 17.97 -15.63 -7.43
CA HIS A 237 17.47 -14.63 -8.38
C HIS A 237 16.41 -15.12 -9.37
N GLN A 238 15.23 -15.43 -8.87
CA GLN A 238 14.12 -15.86 -9.68
C GLN A 238 13.51 -14.70 -10.46
N LEU A 239 13.16 -14.94 -11.71
CA LEU A 239 12.50 -13.93 -12.52
C LEU A 239 11.01 -14.01 -12.18
N THR A 240 10.45 -12.98 -11.56
CA THR A 240 9.05 -13.08 -11.11
C THR A 240 8.07 -12.49 -12.12
N GLU A 241 8.25 -11.19 -12.35
CA GLU A 241 7.40 -10.40 -13.18
C GLU A 241 8.21 -9.31 -13.84
N VAL A 242 7.64 -8.72 -14.89
CA VAL A 242 8.28 -7.58 -15.55
C VAL A 242 7.33 -6.39 -15.51
N GLY A 243 7.74 -5.34 -14.81
CA GLY A 243 6.92 -4.16 -14.61
C GLY A 243 5.64 -4.53 -13.91
N THR A 244 4.53 -4.36 -14.61
CA THR A 244 3.21 -4.85 -14.18
C THR A 244 2.74 -6.01 -15.07
N MET A 245 3.67 -6.79 -15.61
CA MET A 245 3.34 -7.93 -16.47
C MET A 245 3.91 -9.22 -15.91
N ASN A 246 3.26 -10.34 -16.22
CA ASN A 246 3.82 -11.66 -15.95
C ASN A 246 4.82 -11.93 -17.05
N ILE A 247 5.88 -12.63 -16.71
CA ILE A 247 6.92 -12.95 -17.64
C ILE A 247 6.82 -14.40 -18.08
N PHE A 248 7.17 -14.62 -19.35
CA PHE A 248 7.20 -15.91 -19.98
C PHE A 248 8.52 -16.11 -20.68
N VAL A 249 8.96 -17.36 -20.73
CA VAL A 249 10.15 -17.73 -21.47
C VAL A 249 9.82 -18.93 -22.34
N TYR A 250 10.16 -18.82 -23.61
CA TYR A 250 9.95 -19.88 -24.58
C TYR A 250 11.34 -20.27 -24.98
N TRP A 251 11.70 -21.53 -24.73
CA TRP A 251 13.06 -22.01 -24.95
C TRP A 251 13.09 -23.51 -25.03
N THR A 252 14.29 -24.01 -25.32
CA THR A 252 14.59 -25.40 -25.18
C THR A 252 15.22 -25.55 -23.81
N HIS A 253 14.50 -26.19 -22.90
CA HIS A 253 14.98 -26.34 -21.52
C HIS A 253 16.17 -27.28 -21.45
N GLU A 254 16.83 -27.33 -20.29
CA GLU A 254 18.04 -28.14 -20.03
C GLU A 254 17.86 -29.65 -20.29
N ASP A 255 16.63 -30.14 -20.23
CA ASP A 255 16.33 -31.52 -20.57
C ASP A 255 16.11 -31.68 -22.08
N GLY A 256 16.56 -30.70 -22.86
CA GLY A 256 16.39 -30.70 -24.32
C GLY A 256 14.96 -30.58 -24.84
N VAL A 257 13.97 -30.36 -23.98
CA VAL A 257 12.58 -30.23 -24.44
C VAL A 257 12.20 -28.76 -24.66
N LEU A 258 11.47 -28.52 -25.75
CA LEU A 258 10.99 -27.19 -26.12
C LEU A 258 9.85 -26.85 -25.20
N GLU A 259 9.98 -25.73 -24.49
CA GLU A 259 8.92 -25.35 -23.56
C GLU A 259 8.71 -23.88 -23.39
N LEU A 260 7.47 -23.59 -22.99
CA LEU A 260 7.01 -22.32 -22.55
C LEU A 260 6.87 -22.41 -21.02
N VAL A 261 7.58 -21.58 -20.31
CA VAL A 261 7.54 -21.60 -18.86
C VAL A 261 7.17 -20.21 -18.36
N THR A 262 6.44 -20.17 -17.25
CA THR A 262 6.16 -18.93 -16.56
C THR A 262 6.17 -19.28 -15.08
N PRO A 263 6.50 -18.30 -14.22
CA PRO A 263 6.57 -18.58 -12.77
C PRO A 263 5.28 -19.05 -12.16
N PRO A 264 5.37 -20.00 -11.23
CA PRO A 264 4.15 -20.53 -10.62
C PRO A 264 3.58 -19.56 -9.59
N LEU A 265 2.29 -19.77 -9.28
CA LEU A 265 1.54 -18.93 -8.36
C LEU A 265 1.78 -19.38 -6.93
N ASN A 266 2.95 -19.05 -6.41
CA ASN A 266 3.36 -19.47 -5.08
C ASN A 266 3.43 -18.31 -4.13
N GLY A 267 2.76 -17.21 -4.48
CA GLY A 267 2.61 -16.07 -3.57
C GLY A 267 3.18 -14.73 -4.03
N VAL A 268 4.26 -14.77 -4.80
CA VAL A 268 4.88 -13.51 -5.27
C VAL A 268 4.47 -13.11 -6.71
N ILE A 269 3.55 -13.88 -7.28
CA ILE A 269 3.10 -13.65 -8.64
C ILE A 269 1.61 -13.25 -8.68
N LEU A 270 1.32 -12.14 -9.35
CA LEU A 270 -0.03 -11.69 -9.54
C LEU A 270 -0.61 -12.62 -10.62
N PRO A 271 -1.73 -13.30 -10.33
CA PRO A 271 -2.26 -14.24 -11.31
C PRO A 271 -3.05 -13.53 -12.40
N GLY A 272 -2.33 -13.11 -13.42
CA GLY A 272 -2.88 -12.37 -14.53
C GLY A 272 -3.83 -13.19 -15.35
N VAL A 273 -4.82 -12.50 -15.90
CA VAL A 273 -5.77 -13.10 -16.79
C VAL A 273 -5.08 -13.38 -18.14
N VAL A 274 -4.27 -12.45 -18.63
CA VAL A 274 -3.62 -12.74 -19.90
C VAL A 274 -2.69 -13.94 -19.70
N ARG A 275 -1.92 -13.95 -18.62
CA ARG A 275 -1.07 -15.10 -18.26
C ARG A 275 -1.88 -16.40 -18.37
N GLN A 276 -2.97 -16.45 -17.63
CA GLN A 276 -3.76 -17.68 -17.57
C GLN A 276 -4.20 -18.06 -18.99
N SER A 277 -4.51 -17.06 -19.79
CA SER A 277 -5.01 -17.28 -21.14
C SER A 277 -3.95 -17.85 -22.08
N LEU A 278 -2.73 -17.35 -21.93
CA LEU A 278 -1.63 -17.82 -22.74
C LEU A 278 -1.35 -19.29 -22.41
N LEU A 279 -1.39 -19.66 -21.13
CA LEU A 279 -1.21 -21.08 -20.74
C LEU A 279 -2.34 -21.92 -21.34
N ASP A 280 -3.58 -21.53 -21.10
CA ASP A 280 -4.73 -22.22 -21.72
C ASP A 280 -4.53 -22.43 -23.22
N MET A 281 -4.19 -21.36 -23.96
CA MET A 281 -3.96 -21.46 -25.42
C MET A 281 -2.86 -22.43 -25.78
N ALA A 282 -1.68 -22.24 -25.18
CA ALA A 282 -0.56 -23.11 -25.48
C ALA A 282 -0.88 -24.57 -25.09
N GLN A 283 -1.51 -24.76 -23.94
CA GLN A 283 -1.85 -26.09 -23.44
C GLN A 283 -2.75 -26.77 -24.45
N THR A 284 -3.82 -26.07 -24.80
CA THR A 284 -4.75 -26.54 -25.79
C THR A 284 -4.03 -27.00 -27.06
N TRP A 285 -3.11 -26.18 -27.59
CA TRP A 285 -2.42 -26.52 -28.83
C TRP A 285 -1.69 -27.84 -28.79
N GLY A 286 -1.10 -28.17 -27.65
CA GLY A 286 -0.36 -29.42 -27.48
C GLY A 286 0.84 -29.60 -28.40
N GLU A 287 1.48 -28.51 -28.76
CA GLU A 287 2.64 -28.59 -29.66
C GLU A 287 3.98 -28.57 -28.97
N PHE A 288 3.99 -28.15 -27.70
CA PHE A 288 5.21 -28.12 -26.91
C PHE A 288 4.82 -28.16 -25.44
N ARG A 289 5.81 -28.31 -24.59
CA ARG A 289 5.56 -28.44 -23.18
C ARG A 289 5.29 -27.04 -22.60
N VAL A 290 4.25 -26.98 -21.76
CA VAL A 290 3.79 -25.77 -21.14
C VAL A 290 3.82 -25.99 -19.63
N VAL A 291 4.68 -25.26 -18.93
CA VAL A 291 4.85 -25.42 -17.50
C VAL A 291 4.85 -24.12 -16.66
N GLU A 292 4.43 -24.28 -15.40
CA GLU A 292 4.58 -23.24 -14.40
C GLU A 292 5.75 -23.72 -13.55
N ARG A 293 6.87 -23.03 -13.65
CA ARG A 293 8.05 -23.34 -12.88
C ARG A 293 8.85 -22.09 -12.66
N THR A 294 9.56 -22.08 -11.54
CA THR A 294 10.50 -21.03 -11.26
C THR A 294 11.50 -20.94 -12.39
N ILE A 295 11.93 -19.70 -12.68
CA ILE A 295 12.95 -19.41 -13.68
C ILE A 295 13.97 -18.53 -12.98
N THR A 296 15.24 -18.94 -13.04
CA THR A 296 16.35 -18.26 -12.35
C THR A 296 17.30 -17.63 -13.37
N MET A 297 18.06 -16.60 -12.96
CA MET A 297 18.98 -15.93 -13.90
C MET A 297 20.05 -16.89 -14.40
N LYS A 298 20.55 -17.72 -13.47
CA LYS A 298 21.56 -18.73 -13.78
C LYS A 298 21.08 -19.59 -14.93
N GLN A 299 19.84 -20.03 -14.87
CA GLN A 299 19.28 -20.80 -15.98
C GLN A 299 19.26 -19.98 -17.27
N LEU A 300 18.87 -18.70 -17.16
CA LEU A 300 18.71 -17.85 -18.35
C LEU A 300 20.05 -17.62 -19.00
N LEU A 301 21.03 -17.23 -18.18
CA LEU A 301 22.40 -16.99 -18.65
C LEU A 301 22.88 -18.21 -19.42
N ARG A 302 22.65 -19.38 -18.86
CA ARG A 302 23.12 -20.59 -19.49
C ARG A 302 22.33 -20.88 -20.76
N ALA A 303 21.01 -20.71 -20.71
CA ALA A 303 20.20 -20.91 -21.91
C ALA A 303 20.62 -19.95 -23.05
N LEU A 304 20.97 -18.73 -22.68
CA LEU A 304 21.41 -17.72 -23.64
C LEU A 304 22.74 -18.10 -24.29
N GLU A 305 23.77 -18.33 -23.47
CA GLU A 305 25.09 -18.64 -24.01
C GLU A 305 25.07 -19.95 -24.80
N GLU A 306 24.11 -20.83 -24.53
CA GLU A 306 23.92 -22.07 -25.30
C GLU A 306 22.86 -21.93 -26.38
N GLY A 307 22.49 -20.69 -26.71
CA GLY A 307 21.50 -20.39 -27.76
C GLY A 307 20.20 -21.18 -27.71
N ARG A 308 19.68 -21.39 -26.50
CA ARG A 308 18.46 -22.19 -26.32
C ARG A 308 17.16 -21.37 -26.18
N VAL A 309 17.32 -20.07 -25.86
CA VAL A 309 16.20 -19.13 -25.75
C VAL A 309 15.68 -18.63 -27.10
N ARG A 310 14.39 -18.78 -27.32
CA ARG A 310 13.80 -18.21 -28.51
C ARG A 310 13.19 -16.84 -28.20
N GLU A 311 12.29 -16.79 -27.22
CA GLU A 311 11.53 -15.60 -26.93
C GLU A 311 11.37 -15.38 -25.45
N VAL A 312 11.52 -14.14 -25.00
CA VAL A 312 11.11 -13.75 -23.67
C VAL A 312 10.08 -12.62 -23.84
N PHE A 313 9.03 -12.63 -23.03
CA PHE A 313 7.99 -11.62 -23.14
C PHE A 313 7.14 -11.44 -21.92
N GLY A 314 6.42 -10.32 -21.87
CA GLY A 314 5.56 -10.03 -20.76
C GLY A 314 4.13 -10.14 -21.20
N SER A 315 3.25 -10.46 -20.26
CA SER A 315 1.80 -10.48 -20.52
C SER A 315 1.03 -9.65 -19.50
N GLY A 316 -0.04 -9.03 -19.94
CA GLY A 316 -0.93 -8.31 -19.06
C GLY A 316 -1.95 -7.58 -19.89
N THR A 317 -3.01 -7.09 -19.26
CA THR A 317 -4.07 -6.47 -20.02
C THR A 317 -3.63 -5.28 -20.87
N ALA A 318 -2.85 -4.37 -20.30
CA ALA A 318 -2.44 -3.16 -21.00
C ALA A 318 -1.57 -3.44 -22.23
N CYS A 319 -0.52 -4.25 -22.07
N CYS A 319 -0.54 -4.25 -22.03
CA CYS A 319 0.35 -4.54 -23.21
CA CYS A 319 0.41 -4.60 -23.10
C CYS A 319 -0.04 -5.81 -23.96
C CYS A 319 -0.09 -5.77 -23.93
N GLN A 320 -0.62 -6.77 -23.24
CA GLN A 320 -1.10 -8.03 -23.82
C GLN A 320 0.04 -9.03 -23.97
N VAL A 321 0.86 -8.90 -25.00
CA VAL A 321 2.06 -9.72 -25.13
C VAL A 321 3.19 -8.78 -25.54
N CYS A 322 4.24 -8.71 -24.75
CA CYS A 322 5.29 -7.72 -24.93
C CYS A 322 6.69 -8.30 -25.01
N PRO A 323 7.34 -8.20 -26.19
CA PRO A 323 8.67 -8.83 -26.29
C PRO A 323 9.76 -8.11 -25.53
N VAL A 324 10.78 -8.86 -25.11
CA VAL A 324 11.90 -8.32 -24.38
C VAL A 324 13.11 -8.64 -25.25
N HIS A 325 14.01 -7.69 -25.42
CA HIS A 325 15.21 -7.90 -26.24
C HIS A 325 16.49 -7.73 -25.47
N ARG A 326 16.38 -7.21 -24.26
CA ARG A 326 17.57 -6.90 -23.47
C ARG A 326 17.30 -6.86 -21.96
N ILE A 327 18.23 -7.45 -21.21
CA ILE A 327 18.18 -7.46 -19.75
C ILE A 327 19.52 -7.02 -19.21
N LEU A 328 19.52 -6.02 -18.35
CA LEU A 328 20.73 -5.51 -17.74
C LEU A 328 20.81 -6.11 -16.35
N TYR A 329 21.60 -7.17 -16.24
CA TYR A 329 21.77 -7.88 -14.99
C TYR A 329 22.97 -7.30 -14.25
N LYS A 330 22.68 -6.39 -13.32
CA LYS A 330 23.69 -5.60 -12.60
C LYS A 330 24.51 -4.75 -13.60
N ASP A 331 25.62 -5.31 -14.12
CA ASP A 331 26.45 -4.62 -15.10
C ASP A 331 26.68 -5.43 -16.37
N ARG A 332 26.04 -6.59 -16.49
CA ARG A 332 26.17 -7.41 -17.70
C ARG A 332 24.95 -7.16 -18.57
N ASN A 333 25.16 -6.72 -19.80
CA ASN A 333 24.05 -6.37 -20.71
C ASN A 333 23.68 -7.56 -21.60
N LEU A 334 22.56 -8.22 -21.31
CA LEU A 334 22.21 -9.45 -21.99
C LEU A 334 21.27 -9.22 -23.15
N HIS A 335 21.63 -9.73 -24.32
CA HIS A 335 20.77 -9.64 -25.47
C HIS A 335 19.84 -10.83 -25.44
N ILE A 336 18.56 -10.54 -25.61
CA ILE A 336 17.55 -11.59 -25.69
C ILE A 336 17.05 -11.67 -27.14
N PRO A 337 17.25 -12.81 -27.81
CA PRO A 337 16.98 -12.92 -29.25
C PRO A 337 15.50 -13.09 -29.67
N THR A 338 14.62 -12.49 -28.91
CA THR A 338 13.23 -12.61 -29.13
C THR A 338 12.84 -12.21 -30.56
N MET A 339 13.30 -11.05 -31.00
CA MET A 339 12.92 -10.57 -32.35
C MET A 339 13.53 -11.39 -33.48
N GLU A 340 14.70 -12.00 -33.27
CA GLU A 340 15.31 -12.85 -34.30
C GLU A 340 14.65 -14.21 -34.41
N ASN A 341 13.81 -14.55 -33.45
CA ASN A 341 13.13 -15.83 -33.51
C ASN A 341 11.69 -15.63 -33.92
N GLY A 342 11.42 -14.55 -34.64
CA GLY A 342 10.11 -14.30 -35.27
C GLY A 342 9.54 -12.92 -34.97
N PRO A 343 9.03 -12.70 -33.72
CA PRO A 343 8.92 -13.61 -32.58
C PRO A 343 7.71 -14.51 -32.79
N GLU A 344 8.00 -15.75 -33.12
CA GLU A 344 6.98 -16.63 -33.66
C GLU A 344 5.81 -16.92 -32.69
N LEU A 345 6.13 -17.28 -31.46
CA LEU A 345 5.09 -17.55 -30.44
C LEU A 345 4.31 -16.30 -30.05
N ILE A 346 5.02 -15.20 -29.82
CA ILE A 346 4.37 -13.93 -29.55
C ILE A 346 3.36 -13.58 -30.62
N LEU A 347 3.77 -13.65 -31.89
CA LEU A 347 2.87 -13.31 -33.01
C LEU A 347 1.66 -14.22 -33.02
N ARG A 348 1.89 -15.52 -32.84
CA ARG A 348 0.79 -16.46 -32.78
C ARG A 348 -0.16 -16.09 -31.66
N PHE A 349 0.35 -15.91 -30.45
CA PHE A 349 -0.54 -15.48 -29.36
C PHE A 349 -1.35 -14.23 -29.72
N GLN A 350 -0.67 -13.19 -30.20
CA GLN A 350 -1.34 -11.94 -30.53
C GLN A 350 -2.44 -12.14 -31.57
N LYS A 351 -2.14 -12.94 -32.60
CA LYS A 351 -3.08 -13.23 -33.66
C LYS A 351 -4.31 -13.90 -33.13
N GLU A 352 -4.15 -14.96 -32.33
CA GLU A 352 -5.32 -15.67 -31.76
C GLU A 352 -6.08 -14.82 -30.76
N LEU A 353 -5.37 -14.05 -29.92
CA LEU A 353 -6.06 -13.12 -29.01
C LEU A 353 -6.86 -12.08 -29.80
N LYS A 354 -6.26 -11.48 -30.83
CA LYS A 354 -6.94 -10.50 -31.67
C LYS A 354 -8.25 -11.08 -32.26
N GLU A 355 -8.20 -12.32 -32.72
CA GLU A 355 -9.37 -12.92 -33.36
C GLU A 355 -10.48 -13.19 -32.35
N ILE A 356 -10.06 -13.49 -31.13
CA ILE A 356 -11.01 -13.77 -30.08
C ILE A 356 -11.60 -12.44 -29.61
N GLN A 357 -10.74 -11.47 -29.38
CA GLN A 357 -11.18 -10.19 -28.78
C GLN A 357 -12.07 -9.34 -29.65
N TYR A 358 -11.79 -9.29 -30.93
CA TYR A 358 -12.57 -8.47 -31.87
C TYR A 358 -13.70 -9.25 -32.56
N GLY A 359 -14.03 -10.44 -32.05
CA GLY A 359 -15.17 -11.19 -32.57
C GLY A 359 -15.05 -11.78 -33.96
N ILE A 360 -13.83 -11.83 -34.50
CA ILE A 360 -13.57 -12.52 -35.76
C ILE A 360 -14.02 -13.98 -35.65
N ARG A 361 -13.88 -14.54 -34.46
CA ARG A 361 -14.13 -15.94 -34.18
C ARG A 361 -14.81 -16.07 -32.81
N ALA A 362 -16.12 -16.34 -32.81
CA ALA A 362 -16.91 -16.50 -31.58
C ALA A 362 -16.21 -17.43 -30.61
N HIS A 363 -16.24 -17.08 -29.32
CA HIS A 363 -15.48 -17.84 -28.31
C HIS A 363 -16.09 -17.57 -26.94
N GLU A 364 -16.09 -18.59 -26.09
CA GLU A 364 -16.64 -18.51 -24.73
C GLU A 364 -15.91 -17.53 -23.75
N TRP A 365 -14.79 -16.98 -24.19
CA TRP A 365 -14.01 -16.05 -23.40
C TRP A 365 -14.57 -14.61 -23.46
N MET A 366 -15.35 -14.30 -24.48
CA MET A 366 -15.88 -12.97 -24.65
C MET A 366 -17.30 -12.87 -24.07
N PHE A 367 -17.54 -11.72 -23.44
CA PHE A 367 -18.78 -11.43 -22.75
C PHE A 367 -19.34 -10.24 -23.49
N PRO A 368 -20.46 -10.43 -24.20
CA PRO A 368 -20.97 -9.32 -25.00
C PRO A 368 -21.58 -8.21 -24.15
N VAL A 369 -21.31 -6.96 -24.52
CA VAL A 369 -21.93 -5.83 -23.84
C VAL A 369 -23.27 -5.54 -24.50
N SER B 7 11.15 23.51 -4.21
CA SER B 7 10.94 24.78 -3.45
C SER B 7 9.70 24.67 -2.55
N SER B 8 9.95 24.59 -1.23
CA SER B 8 8.90 24.33 -0.24
C SER B 8 7.85 25.41 -0.09
N PHE B 9 6.72 25.02 0.52
CA PHE B 9 5.74 25.99 0.97
C PHE B 9 6.35 26.67 2.19
N LYS B 10 5.75 27.80 2.57
CA LYS B 10 6.25 28.60 3.69
C LYS B 10 5.16 28.86 4.68
N ALA B 11 5.52 28.85 5.96
CA ALA B 11 4.57 29.09 7.03
C ALA B 11 4.13 30.57 7.07
N ALA B 12 5.03 31.47 6.66
CA ALA B 12 4.71 32.90 6.56
C ALA B 12 3.47 33.16 5.72
N ASP B 13 3.32 32.36 4.65
CA ASP B 13 2.24 32.54 3.69
C ASP B 13 0.90 31.93 4.12
N LEU B 14 0.81 31.40 5.34
CA LEU B 14 -0.45 30.72 5.79
C LEU B 14 -1.70 31.51 5.53
N GLN B 15 -2.81 30.80 5.35
CA GLN B 15 -4.11 31.39 5.17
C GLN B 15 -4.99 30.85 6.26
N LEU B 16 -5.54 31.73 7.09
CA LEU B 16 -6.41 31.24 8.16
C LEU B 16 -7.86 31.44 7.74
N GLU B 17 -8.69 30.46 8.07
CA GLU B 17 -10.10 30.53 7.80
C GLU B 17 -10.77 29.79 8.95
N MET B 18 -11.24 30.56 9.92
CA MET B 18 -11.86 30.01 11.13
C MET B 18 -13.24 29.45 10.87
N THR B 19 -13.57 28.34 11.53
CA THR B 19 -14.86 27.71 11.40
C THR B 19 -15.96 28.74 11.62
N GLN B 20 -17.11 28.53 11.00
CA GLN B 20 -18.22 29.43 11.19
C GLN B 20 -19.01 28.90 12.38
N LYS B 21 -18.97 27.59 12.59
CA LYS B 21 -19.66 26.98 13.73
C LYS B 21 -18.78 25.90 14.38
N PRO B 22 -18.08 26.28 15.48
CA PRO B 22 -17.28 25.35 16.26
C PRO B 22 -18.09 24.17 16.79
N HIS B 23 -17.44 23.02 16.90
CA HIS B 23 -18.08 21.80 17.40
C HIS B 23 -17.88 21.73 18.89
N LYS B 24 -18.74 20.98 19.57
CA LYS B 24 -18.66 20.90 21.01
C LYS B 24 -17.64 19.85 21.41
N LYS B 25 -16.59 20.30 22.12
CA LYS B 25 -15.56 19.41 22.62
C LYS B 25 -16.18 18.21 23.34
N PRO B 26 -15.44 17.09 23.45
CA PRO B 26 -15.99 15.93 24.17
C PRO B 26 -16.30 16.25 25.64
N GLY B 27 -17.22 15.50 26.23
CA GLY B 27 -17.64 15.74 27.61
C GLY B 27 -16.57 15.29 28.58
N PRO B 28 -16.26 16.10 29.61
CA PRO B 28 -15.24 15.66 30.57
C PRO B 28 -15.60 14.33 31.22
N GLY B 29 -14.64 13.40 31.26
CA GLY B 29 -14.85 12.07 31.80
C GLY B 29 -15.39 11.06 30.80
N GLU B 30 -16.14 11.55 29.80
CA GLU B 30 -16.71 10.72 28.73
C GLU B 30 -15.60 10.01 27.94
N PRO B 31 -15.86 8.79 27.45
CA PRO B 31 -14.80 8.05 26.75
C PRO B 31 -14.36 8.64 25.39
N LEU B 32 -13.17 9.25 25.38
CA LEU B 32 -12.54 9.71 24.13
C LEU B 32 -12.03 8.47 23.41
N VAL B 33 -12.68 8.08 22.31
CA VAL B 33 -12.22 6.90 21.56
C VAL B 33 -11.20 7.36 20.53
N PHE B 34 -10.09 6.64 20.47
CA PHE B 34 -8.93 7.02 19.65
C PHE B 34 -9.24 7.12 18.17
N GLY B 35 -8.93 8.28 17.60
CA GLY B 35 -9.12 8.52 16.16
C GLY B 35 -10.54 8.62 15.62
N LYS B 36 -11.55 8.61 16.49
CA LYS B 36 -12.95 8.78 16.07
C LYS B 36 -13.39 10.26 16.14
N THR B 37 -12.73 11.06 16.98
CA THR B 37 -13.11 12.45 17.24
C THR B 37 -12.06 13.40 16.72
N PHE B 38 -12.49 14.40 15.96
CA PHE B 38 -11.55 15.33 15.31
C PHE B 38 -11.84 16.75 15.69
N THR B 39 -10.87 17.63 15.45
CA THR B 39 -10.97 19.02 15.89
C THR B 39 -11.61 19.89 14.83
N ASP B 40 -11.74 21.18 15.14
CA ASP B 40 -12.38 22.14 14.23
C ASP B 40 -11.61 22.41 12.97
N HIS B 41 -10.28 22.37 13.02
CA HIS B 41 -9.46 22.78 11.88
C HIS B 41 -8.52 21.74 11.33
N MET B 42 -7.90 22.09 10.21
CA MET B 42 -7.00 21.20 9.55
C MET B 42 -6.10 22.04 8.71
N LEU B 43 -4.93 21.52 8.43
CA LEU B 43 -4.00 22.15 7.53
C LEU B 43 -4.17 21.46 6.18
N MET B 44 -3.96 22.19 5.11
CA MET B 44 -4.06 21.62 3.78
C MET B 44 -3.06 22.35 2.94
N VAL B 45 -2.27 21.62 2.18
CA VAL B 45 -1.36 22.22 1.23
C VAL B 45 -1.41 21.41 -0.07
N GLU B 46 -1.49 22.13 -1.19
CA GLU B 46 -1.56 21.52 -2.50
C GLU B 46 -0.26 21.76 -3.22
N TRP B 47 0.21 20.73 -3.92
CA TRP B 47 1.38 20.83 -4.78
C TRP B 47 0.92 20.46 -6.21
N ASN B 48 1.57 21.03 -7.20
CA ASN B 48 1.30 20.73 -8.59
C ASN B 48 2.51 21.15 -9.35
N ASP B 49 2.41 21.28 -10.67
CA ASP B 49 3.57 21.58 -11.49
C ASP B 49 4.06 23.02 -11.34
N LYS B 50 3.31 23.84 -10.61
CA LYS B 50 3.72 25.20 -10.23
C LYS B 50 4.29 25.18 -8.80
N GLY B 51 4.94 24.08 -8.42
CA GLY B 51 5.44 23.86 -7.06
C GLY B 51 4.35 23.82 -6.00
N TRP B 52 4.75 24.00 -4.74
CA TRP B 52 3.80 24.05 -3.64
C TRP B 52 2.98 25.35 -3.68
N GLY B 53 1.72 25.25 -3.29
CA GLY B 53 0.88 26.41 -3.10
C GLY B 53 0.96 26.95 -1.67
N GLN B 54 0.08 27.88 -1.33
CA GLN B 54 0.08 28.46 -0.01
C GLN B 54 -0.63 27.52 0.95
N PRO B 55 0.00 27.19 2.10
CA PRO B 55 -0.69 26.35 3.08
C PRO B 55 -1.87 27.06 3.65
N ARG B 56 -2.83 26.33 4.20
CA ARG B 56 -3.97 26.96 4.79
C ARG B 56 -4.55 26.18 5.95
N ILE B 57 -5.01 26.92 6.95
CA ILE B 57 -5.69 26.33 8.07
C ILE B 57 -7.14 26.56 7.72
N GLN B 58 -7.96 25.55 7.86
CA GLN B 58 -9.31 25.68 7.41
C GLN B 58 -10.17 24.72 8.15
N PRO B 59 -11.48 24.94 8.13
CA PRO B 59 -12.31 24.03 8.87
C PRO B 59 -12.19 22.58 8.38
N PHE B 60 -12.42 21.66 9.29
CA PHE B 60 -12.34 20.25 9.03
C PHE B 60 -13.39 19.95 7.96
N GLN B 61 -12.92 19.73 6.75
CA GLN B 61 -13.79 19.50 5.63
C GLN B 61 -13.30 18.29 4.85
N ASN B 62 -14.20 17.71 4.05
CA ASN B 62 -13.86 16.52 3.26
C ASN B 62 -12.86 16.85 2.17
N LEU B 63 -12.27 15.80 1.62
CA LEU B 63 -11.37 15.91 0.49
C LEU B 63 -12.13 15.68 -0.83
N THR B 64 -11.70 16.38 -1.88
CA THR B 64 -12.31 16.29 -3.18
C THR B 64 -11.26 15.73 -4.08
N LEU B 65 -11.42 14.47 -4.49
CA LEU B 65 -10.39 13.81 -5.30
C LEU B 65 -10.92 13.34 -6.63
N HIS B 66 -10.07 13.47 -7.63
CA HIS B 66 -10.33 12.90 -8.94
C HIS B 66 -10.38 11.36 -8.75
N PRO B 67 -11.32 10.66 -9.43
CA PRO B 67 -11.55 9.22 -9.21
C PRO B 67 -10.38 8.35 -9.57
N ALA B 68 -9.51 8.88 -10.41
CA ALA B 68 -8.24 8.24 -10.78
C ALA B 68 -7.10 8.60 -9.87
N SER B 69 -7.37 9.20 -8.71
CA SER B 69 -6.27 9.72 -7.88
C SER B 69 -5.27 8.62 -7.57
N SER B 70 -4.00 8.87 -7.83
CA SER B 70 -2.98 7.87 -7.57
C SER B 70 -2.90 7.48 -6.07
N SER B 71 -3.42 8.32 -5.19
CA SER B 71 -3.52 7.98 -3.75
C SER B 71 -4.39 6.78 -3.49
N LEU B 72 -5.36 6.59 -4.38
CA LEU B 72 -6.36 5.55 -4.22
C LEU B 72 -6.12 4.31 -5.08
N HIS B 73 -5.31 4.44 -6.11
CA HIS B 73 -5.07 3.32 -7.04
C HIS B 73 -3.75 2.63 -6.76
N TYR B 74 -2.71 3.45 -6.55
CA TYR B 74 -1.36 2.94 -6.34
C TYR B 74 -0.76 3.33 -4.99
N SER B 75 -1.61 3.58 -4.00
CA SER B 75 -1.16 3.81 -2.62
C SER B 75 0.00 4.82 -2.48
N LEU B 76 -0.08 5.93 -3.20
CA LEU B 76 0.87 7.04 -3.03
C LEU B 76 0.32 7.82 -1.86
N GLN B 77 0.67 7.35 -0.68
CA GLN B 77 0.17 7.88 0.56
C GLN B 77 1.15 7.48 1.65
N LEU B 78 1.38 8.40 2.58
CA LEU B 78 2.25 8.16 3.74
C LEU B 78 1.72 9.03 4.85
N PHE B 79 1.96 8.64 6.09
CA PHE B 79 1.46 9.40 7.21
C PHE B 79 2.43 9.48 8.38
N GLU B 80 2.10 10.35 9.31
CA GLU B 80 2.84 10.49 10.53
C GLU B 80 1.90 10.48 11.68
N GLY B 81 2.47 10.40 12.87
CA GLY B 81 1.71 10.30 14.09
C GLY B 81 2.60 10.81 15.18
N MET B 82 2.10 11.80 15.92
CA MET B 82 2.82 12.42 17.01
C MET B 82 1.86 13.05 17.96
N LYS B 83 2.34 13.40 19.16
CA LYS B 83 1.47 13.96 20.18
C LYS B 83 1.86 15.32 20.71
N ALA B 84 0.81 16.07 21.05
CA ALA B 84 0.95 17.33 21.74
C ALA B 84 0.38 17.10 23.11
N PHE B 85 1.08 17.57 24.16
CA PHE B 85 0.58 17.41 25.52
C PHE B 85 0.33 18.79 26.14
N LYS B 86 -0.77 18.91 26.88
CA LYS B 86 -1.10 20.14 27.58
C LYS B 86 -0.67 19.96 29.04
N GLY B 87 0.36 20.71 29.45
CA GLY B 87 0.89 20.65 30.81
C GLY B 87 -0.05 21.21 31.87
N LYS B 88 0.48 21.41 33.07
CA LYS B 88 -0.30 22.01 34.18
C LYS B 88 -0.59 23.47 33.88
N ASP B 89 0.47 24.19 33.50
CA ASP B 89 0.37 25.59 33.10
C ASP B 89 -0.41 25.82 31.79
N GLN B 90 -1.30 24.90 31.42
CA GLN B 90 -2.08 24.97 30.16
C GLN B 90 -1.25 25.17 28.87
N GLN B 91 0.06 25.06 29.00
CA GLN B 91 0.99 25.16 27.89
C GLN B 91 1.00 23.81 27.15
N VAL B 92 1.07 23.86 25.82
CA VAL B 92 1.02 22.65 25.01
C VAL B 92 2.36 22.41 24.36
N ARG B 93 2.78 21.13 24.32
CA ARG B 93 4.10 20.78 23.80
C ARG B 93 4.07 19.55 22.93
N LEU B 94 4.86 19.59 21.85
CA LEU B 94 5.00 18.44 20.97
C LEU B 94 6.22 17.69 21.36
N PHE B 95 6.08 16.37 21.43
CA PHE B 95 7.22 15.51 21.74
C PHE B 95 8.07 15.20 20.49
N ARG B 96 9.29 15.69 20.50
CA ARG B 96 10.29 15.40 19.49
C ARG B 96 9.76 15.42 18.06
N PRO B 97 9.01 16.47 17.70
CA PRO B 97 8.38 16.52 16.37
C PRO B 97 9.38 16.51 15.22
N TRP B 98 10.58 17.02 15.45
CA TRP B 98 11.62 17.04 14.42
C TRP B 98 11.86 15.64 13.83
N LEU B 99 11.83 14.61 14.67
CA LEU B 99 12.11 13.25 14.21
C LEU B 99 10.97 12.78 13.31
N ASN B 100 9.74 13.21 13.63
CA ASN B 100 8.61 12.89 12.77
C ASN B 100 8.69 13.60 11.42
N MET B 101 9.21 14.83 11.40
CA MET B 101 9.32 15.55 10.14
C MET B 101 10.42 14.89 9.35
N ASP B 102 11.50 14.52 10.03
CA ASP B 102 12.60 13.79 9.39
C ASP B 102 12.04 12.53 8.71
N ARG B 103 11.25 11.77 9.46
CA ARG B 103 10.71 10.50 8.97
C ARG B 103 9.74 10.64 7.82
N MET B 104 8.89 11.66 7.89
CA MET B 104 7.91 11.95 6.86
C MET B 104 8.56 12.35 5.54
N LEU B 105 9.67 13.07 5.62
CA LEU B 105 10.35 13.45 4.39
C LEU B 105 10.97 12.20 3.75
N ARG B 106 11.52 11.31 4.55
CA ARG B 106 12.07 10.08 4.02
C ARG B 106 10.97 9.25 3.33
N SER B 107 9.78 9.23 3.91
CA SER B 107 8.67 8.47 3.32
C SER B 107 8.31 9.09 1.96
N ALA B 108 8.16 10.40 1.96
CA ALA B 108 7.91 11.18 0.75
C ALA B 108 8.84 10.81 -0.36
N MET B 109 10.13 10.79 -0.09
CA MET B 109 11.11 10.46 -1.14
C MET B 109 10.93 9.01 -1.61
N ARG B 110 10.61 8.12 -0.68
CA ARG B 110 10.54 6.72 -1.04
C ARG B 110 9.45 6.56 -2.08
N LEU B 111 8.36 7.30 -1.89
CA LEU B 111 7.22 7.29 -2.80
C LEU B 111 7.25 8.37 -3.88
N CYS B 112 8.42 8.93 -4.20
CA CYS B 112 8.53 9.97 -5.24
C CYS B 112 7.52 11.13 -5.08
N LEU B 113 7.16 11.40 -3.82
CA LEU B 113 6.24 12.49 -3.51
C LEU B 113 7.10 13.72 -3.28
N PRO B 114 6.50 14.92 -3.32
CA PRO B 114 7.28 16.15 -3.24
C PRO B 114 7.92 16.44 -1.89
N SER B 115 9.17 16.88 -1.98
CA SER B 115 9.95 17.32 -0.84
C SER B 115 9.34 18.60 -0.26
N PHE B 116 9.58 18.84 1.02
CA PHE B 116 9.11 20.06 1.67
C PHE B 116 10.06 20.39 2.78
N ASP B 117 9.94 21.59 3.33
CA ASP B 117 10.83 22.01 4.38
C ASP B 117 10.25 21.55 5.71
N LYS B 118 11.09 20.84 6.46
CA LYS B 118 10.65 20.21 7.70
C LYS B 118 10.21 21.21 8.74
N LEU B 119 10.94 22.31 8.84
CA LEU B 119 10.65 23.35 9.84
C LEU B 119 9.46 24.18 9.46
N GLU B 120 9.22 24.31 8.15
CA GLU B 120 8.04 25.02 7.66
C GLU B 120 6.78 24.27 8.01
N LEU B 121 6.79 22.95 7.77
CA LEU B 121 5.62 22.15 8.12
C LEU B 121 5.39 22.08 9.63
N LEU B 122 6.47 22.03 10.40
CA LEU B 122 6.35 21.97 11.85
C LEU B 122 5.73 23.29 12.34
N GLU B 123 6.15 24.40 11.73
CA GLU B 123 5.55 25.68 12.07
C GLU B 123 4.07 25.71 11.71
N CYS B 124 3.69 25.20 10.53
CA CYS B 124 2.25 25.17 10.19
C CYS B 124 1.50 24.27 11.15
N ILE B 125 2.15 23.22 11.60
CA ILE B 125 1.51 22.31 12.53
C ILE B 125 1.34 23.04 13.87
N ARG B 126 2.39 23.74 14.29
CA ARG B 126 2.33 24.54 15.51
C ARG B 126 1.14 25.48 15.43
N ARG B 127 1.04 26.25 14.34
N ARG B 127 1.05 26.23 14.34
CA ARG B 127 -0.05 27.20 14.14
CA ARG B 127 -0.03 27.20 14.12
C ARG B 127 -1.41 26.51 14.14
C ARG B 127 -1.40 26.52 14.14
N LEU B 128 -1.47 25.35 13.52
CA LEU B 128 -2.71 24.58 13.48
C LEU B 128 -3.10 24.18 14.89
N ILE B 129 -2.13 23.71 15.67
CA ILE B 129 -2.41 23.31 17.03
C ILE B 129 -2.78 24.52 17.88
N GLU B 130 -2.07 25.64 17.67
CA GLU B 130 -2.36 26.88 18.39
C GLU B 130 -3.85 27.20 18.22
N VAL B 131 -4.27 27.34 16.96
CA VAL B 131 -5.64 27.67 16.62
C VAL B 131 -6.61 26.74 17.34
N ASP B 132 -6.28 25.45 17.39
CA ASP B 132 -7.12 24.48 18.10
C ASP B 132 -6.58 24.08 19.47
N LYS B 133 -5.81 24.94 20.14
CA LYS B 133 -5.21 24.56 21.43
C LYS B 133 -6.22 24.14 22.49
N ASP B 134 -7.45 24.68 22.46
CA ASP B 134 -8.49 24.29 23.43
C ASP B 134 -8.88 22.82 23.33
N TRP B 135 -8.73 22.25 22.13
CA TRP B 135 -9.07 20.83 21.91
C TRP B 135 -8.10 19.93 22.63
N VAL B 136 -6.91 20.45 22.93
CA VAL B 136 -5.89 19.65 23.61
C VAL B 136 -6.32 19.41 25.06
N PRO B 137 -6.73 18.19 25.39
CA PRO B 137 -7.18 17.92 26.73
C PRO B 137 -6.02 17.91 27.73
N ASP B 138 -6.33 18.08 29.02
CA ASP B 138 -5.31 18.16 30.07
C ASP B 138 -5.41 17.11 31.16
N ALA B 139 -6.46 16.29 31.12
CA ALA B 139 -6.62 15.22 32.10
C ALA B 139 -5.44 14.28 32.05
N ALA B 140 -5.22 13.56 33.13
CA ALA B 140 -4.07 12.69 33.19
C ALA B 140 -4.03 11.71 32.01
N GLY B 141 -2.85 11.50 31.46
CA GLY B 141 -2.67 10.54 30.37
C GLY B 141 -3.43 10.82 29.08
N THR B 142 -3.79 12.08 28.82
CA THR B 142 -4.49 12.43 27.60
C THR B 142 -3.61 13.37 26.78
N SER B 143 -3.92 13.46 25.48
CA SER B 143 -3.10 14.22 24.57
C SER B 143 -3.84 14.53 23.30
N LEU B 144 -3.22 15.35 22.46
CA LEU B 144 -3.76 15.62 21.14
C LEU B 144 -2.94 14.78 20.17
N TYR B 145 -3.60 13.87 19.48
CA TYR B 145 -2.92 13.07 18.44
C TYR B 145 -2.94 13.89 17.17
N VAL B 146 -1.77 14.01 16.53
CA VAL B 146 -1.56 14.77 15.32
C VAL B 146 -1.21 13.88 14.12
N ARG B 147 -2.06 13.94 13.07
CA ARG B 147 -1.93 13.06 11.90
C ARG B 147 -1.68 13.82 10.61
N PRO B 148 -0.41 14.12 10.31
CA PRO B 148 0.00 14.59 9.00
C PRO B 148 -0.11 13.48 7.94
N VAL B 149 -0.39 13.86 6.69
CA VAL B 149 -0.51 12.92 5.59
C VAL B 149 -0.06 13.58 4.32
N LEU B 150 0.60 12.83 3.46
CA LEU B 150 0.96 13.34 2.13
C LEU B 150 0.53 12.25 1.17
N ILE B 151 -0.41 12.56 0.27
CA ILE B 151 -0.87 11.63 -0.75
C ILE B 151 -0.58 12.12 -2.17
N GLY B 152 -0.37 11.20 -3.11
CA GLY B 152 -0.27 11.55 -4.53
C GLY B 152 -1.68 11.92 -4.99
N ASN B 153 -1.81 12.72 -6.02
CA ASN B 153 -3.14 13.08 -6.51
C ASN B 153 -3.14 13.25 -8.03
N GLU B 154 -2.53 12.28 -8.71
CA GLU B 154 -2.40 12.28 -10.17
C GLU B 154 -3.69 11.76 -10.78
N PRO B 155 -4.27 12.51 -11.72
CA PRO B 155 -5.53 12.07 -12.31
C PRO B 155 -5.32 11.19 -13.56
N SER B 156 -4.46 10.19 -13.49
CA SER B 156 -4.20 9.34 -14.64
C SER B 156 -3.87 7.93 -14.15
N LEU B 157 -4.25 6.91 -14.89
CA LEU B 157 -4.03 5.55 -14.41
C LEU B 157 -2.55 5.06 -14.56
N GLY B 158 -1.67 5.90 -15.09
CA GLY B 158 -0.27 5.49 -15.26
C GLY B 158 0.39 5.40 -13.91
N VAL B 159 1.24 4.39 -13.70
CA VAL B 159 2.05 4.36 -12.45
C VAL B 159 3.27 5.19 -12.69
N SER B 160 3.34 6.35 -12.06
CA SER B 160 4.45 7.27 -12.33
C SER B 160 4.56 8.32 -11.25
N GLN B 161 5.65 9.08 -11.31
CA GLN B 161 5.90 10.12 -10.34
C GLN B 161 4.79 11.13 -10.46
N PRO B 162 4.04 11.36 -9.37
CA PRO B 162 2.94 12.29 -9.53
C PRO B 162 3.41 13.72 -9.79
N THR B 163 2.51 14.46 -10.41
CA THR B 163 2.64 15.84 -10.78
C THR B 163 1.77 16.67 -9.84
N ARG B 164 1.00 15.98 -8.99
CA ARG B 164 0.10 16.61 -8.03
C ARG B 164 0.05 15.86 -6.72
N ALA B 165 -0.02 16.61 -5.64
CA ALA B 165 -0.07 16.04 -4.30
C ALA B 165 -0.77 16.99 -3.34
N LEU B 166 -1.24 16.42 -2.24
CA LEU B 166 -1.91 17.12 -1.16
C LEU B 166 -1.21 16.73 0.12
N LEU B 167 -0.87 17.70 0.95
CA LEU B 167 -0.31 17.45 2.26
C LEU B 167 -1.32 18.05 3.20
N PHE B 168 -1.86 17.25 4.10
CA PHE B 168 -2.80 17.75 5.08
C PHE B 168 -2.56 17.17 6.47
N VAL B 169 -3.22 17.77 7.46
CA VAL B 169 -2.99 17.43 8.85
C VAL B 169 -4.27 17.55 9.63
N ILE B 170 -4.60 16.51 10.35
CA ILE B 170 -5.78 16.51 11.20
C ILE B 170 -5.35 16.20 12.63
N LEU B 171 -6.25 16.49 13.56
CA LEU B 171 -5.97 16.39 14.99
C LEU B 171 -7.12 15.70 15.69
N CYS B 172 -6.77 14.81 16.62
CA CYS B 172 -7.71 14.06 17.44
C CYS B 172 -7.37 14.25 18.90
N PRO B 173 -8.36 14.64 19.71
CA PRO B 173 -8.07 14.52 21.13
C PRO B 173 -8.11 13.04 21.47
N VAL B 174 -7.14 12.55 22.23
CA VAL B 174 -7.16 11.14 22.61
C VAL B 174 -6.96 10.99 24.10
N GLY B 175 -7.38 9.83 24.61
CA GLY B 175 -7.17 9.44 26.00
C GLY B 175 -6.13 8.35 25.95
N ALA B 176 -6.58 7.09 25.83
CA ALA B 176 -5.68 5.94 25.67
C ALA B 176 -5.99 5.13 24.39
N TYR B 177 -5.20 4.08 24.14
CA TYR B 177 -5.35 3.24 22.94
C TYR B 177 -5.74 1.77 23.23
N PHE B 178 -5.28 1.20 24.36
CA PHE B 178 -5.63 -0.18 24.77
C PHE B 178 -6.59 -0.20 25.95
N SER B 182 -2.90 0.76 28.80
CA SER B 182 -1.48 0.39 28.74
C SER B 182 -0.89 0.12 30.12
N VAL B 183 -1.70 0.33 31.16
CA VAL B 183 -1.32 -0.07 32.53
C VAL B 183 -1.47 -1.61 32.57
N THR B 184 -2.41 -2.12 31.78
CA THR B 184 -2.64 -3.56 31.64
C THR B 184 -1.86 -4.11 30.43
N PRO B 185 -1.27 -5.30 30.56
CA PRO B 185 -0.51 -5.90 29.51
C PRO B 185 -1.34 -6.53 28.39
N VAL B 186 -0.65 -6.95 27.32
CA VAL B 186 -1.29 -7.57 26.16
C VAL B 186 -0.71 -8.91 25.75
N SER B 187 -1.56 -9.73 25.12
CA SER B 187 -1.20 -11.04 24.60
C SER B 187 -0.83 -10.94 23.13
N LEU B 188 0.15 -11.71 22.69
CA LEU B 188 0.60 -11.65 21.29
C LEU B 188 0.40 -12.97 20.57
N LEU B 189 0.11 -12.88 19.27
CA LEU B 189 0.08 -14.03 18.42
C LEU B 189 1.38 -14.08 17.64
N ALA B 190 2.13 -15.15 17.81
CA ALA B 190 3.41 -15.27 17.14
C ALA B 190 3.33 -16.41 16.15
N ASP B 191 2.92 -16.08 14.93
CA ASP B 191 2.76 -17.03 13.85
C ASP B 191 3.61 -16.58 12.65
N PRO B 192 4.62 -17.39 12.27
CA PRO B 192 5.54 -17.02 11.20
C PRO B 192 4.95 -16.83 9.81
N ALA B 193 3.73 -17.30 9.56
CA ALA B 193 3.09 -17.20 8.21
C ALA B 193 2.75 -15.76 7.80
N PHE B 194 2.62 -14.89 8.79
CA PHE B 194 2.30 -13.49 8.57
C PHE B 194 3.63 -12.72 8.57
N ILE B 195 3.91 -12.02 7.47
CA ILE B 195 5.17 -11.29 7.29
C ILE B 195 4.88 -9.80 7.04
N ARG B 196 5.27 -8.95 7.98
CA ARG B 196 4.97 -7.52 7.94
C ARG B 196 5.78 -6.74 6.91
N ALA B 197 7.02 -7.17 6.69
CA ALA B 197 7.97 -6.45 5.85
C ALA B 197 9.19 -7.29 5.60
N TRP B 198 9.93 -6.90 4.58
CA TRP B 198 11.01 -7.70 4.04
C TRP B 198 12.18 -6.74 3.85
N VAL B 199 13.40 -7.28 3.95
CA VAL B 199 14.61 -6.49 3.70
C VAL B 199 14.57 -6.03 2.24
N GLY B 200 14.83 -4.76 2.02
CA GLY B 200 14.72 -4.15 0.70
C GLY B 200 13.29 -3.77 0.38
N GLY B 201 12.41 -3.90 1.38
CA GLY B 201 11.01 -3.53 1.24
C GLY B 201 10.85 -2.09 1.71
N VAL B 202 9.68 -1.76 2.24
CA VAL B 202 9.40 -0.43 2.68
C VAL B 202 8.78 -0.37 4.09
N GLY B 203 8.89 -1.48 4.81
CA GLY B 203 8.43 -1.61 6.18
C GLY B 203 9.06 -0.61 7.13
N ASN B 204 10.23 -0.12 6.75
CA ASN B 204 10.89 0.96 7.52
C ASN B 204 10.44 2.41 7.19
N TYR B 205 9.34 2.54 6.44
CA TYR B 205 8.75 3.85 6.14
C TYR B 205 7.31 3.81 6.57
N LYS B 206 6.75 4.94 6.95
CA LYS B 206 5.38 4.98 7.48
C LYS B 206 4.40 5.28 6.35
N LEU B 207 4.28 4.30 5.48
CA LEU B 207 3.47 4.32 4.29
C LEU B 207 2.21 3.51 4.54
N GLY B 208 1.06 4.05 4.08
CA GLY B 208 -0.24 3.42 4.27
C GLY B 208 -0.30 1.98 3.82
N GLY B 209 0.43 1.65 2.74
CA GLY B 209 0.50 0.29 2.18
C GLY B 209 1.04 -0.80 3.09
N ASN B 210 1.73 -0.41 4.16
CA ASN B 210 2.22 -1.39 5.14
C ASN B 210 1.16 -1.80 6.15
N TYR B 211 0.07 -1.05 6.24
CA TYR B 211 -0.94 -1.27 7.27
C TYR B 211 -2.19 -2.02 6.81
N GLY B 212 -2.72 -1.69 5.64
CA GLY B 212 -3.88 -2.40 5.11
C GLY B 212 -3.86 -3.92 5.25
N PRO B 213 -2.76 -4.58 4.80
CA PRO B 213 -2.64 -6.03 4.88
C PRO B 213 -2.57 -6.61 6.30
N THR B 214 -2.32 -5.77 7.30
CA THR B 214 -2.30 -6.24 8.67
C THR B 214 -3.70 -6.40 9.26
N VAL B 215 -4.75 -5.86 8.62
CA VAL B 215 -6.08 -5.91 9.23
C VAL B 215 -6.57 -7.36 9.39
N LEU B 216 -6.43 -8.16 8.35
CA LEU B 216 -6.86 -9.57 8.42
C LEU B 216 -6.04 -10.33 9.44
N VAL B 217 -4.76 -10.00 9.52
CA VAL B 217 -3.87 -10.66 10.42
C VAL B 217 -4.29 -10.35 11.84
N GLN B 218 -4.58 -9.10 12.10
CA GLN B 218 -5.01 -8.72 13.42
C GLN B 218 -6.33 -9.46 13.77
N GLN B 219 -7.21 -9.67 12.79
CA GLN B 219 -8.44 -10.40 13.05
C GLN B 219 -8.16 -11.83 13.47
N GLU B 220 -7.19 -12.45 12.83
CA GLU B 220 -6.83 -13.80 13.15
C GLU B 220 -6.29 -13.89 14.58
N ALA B 221 -5.61 -12.83 15.03
CA ALA B 221 -5.08 -12.81 16.39
C ALA B 221 -6.21 -12.79 17.40
N LEU B 222 -7.20 -11.91 17.17
CA LEU B 222 -8.39 -11.86 18.02
C LEU B 222 -9.13 -13.20 18.01
N LYS B 223 -9.23 -13.83 16.83
CA LYS B 223 -9.85 -15.15 16.71
C LYS B 223 -9.08 -16.16 17.54
N ARG B 224 -7.77 -16.14 17.51
CA ARG B 224 -7.00 -17.10 18.32
C ARG B 224 -6.79 -16.62 19.78
N GLY B 225 -7.56 -15.63 20.23
CA GLY B 225 -7.54 -15.18 21.61
C GLY B 225 -6.35 -14.34 22.05
N CYS B 226 -5.76 -13.62 21.10
CA CYS B 226 -4.68 -12.70 21.40
C CYS B 226 -5.17 -11.32 21.09
N GLU B 227 -4.42 -10.34 21.57
CA GLU B 227 -4.76 -8.95 21.37
C GLU B 227 -3.90 -8.26 20.32
N GLN B 228 -2.71 -8.79 20.05
CA GLN B 228 -1.80 -8.15 19.09
C GLN B 228 -1.06 -9.18 18.28
N VAL B 229 -0.48 -8.72 17.18
CA VAL B 229 0.36 -9.56 16.37
C VAL B 229 1.81 -9.33 16.74
N LEU B 230 2.55 -10.42 16.93
CA LEU B 230 4.00 -10.36 17.11
C LEU B 230 4.57 -10.75 15.78
N TRP B 231 5.07 -9.75 15.05
CA TRP B 231 5.52 -9.97 13.70
C TRP B 231 6.87 -10.62 13.74
N LEU B 232 6.94 -11.85 13.26
CA LEU B 232 8.20 -12.57 13.22
C LEU B 232 8.81 -12.43 11.83
N TYR B 233 10.13 -12.61 11.75
CA TYR B 233 10.82 -12.51 10.48
C TYR B 233 11.97 -13.48 10.40
N GLY B 234 12.12 -14.06 9.21
CA GLY B 234 13.23 -14.89 8.88
C GLY B 234 13.02 -16.30 9.36
N PRO B 235 13.94 -17.20 8.97
CA PRO B 235 13.86 -18.61 9.35
C PRO B 235 14.14 -18.81 10.84
N ASP B 236 14.90 -17.90 11.45
CA ASP B 236 15.22 -18.00 12.88
C ASP B 236 14.19 -17.25 13.72
N HIS B 237 13.08 -16.87 13.11
CA HIS B 237 11.97 -16.23 13.80
C HIS B 237 12.39 -15.08 14.67
N GLN B 238 12.90 -14.03 14.03
CA GLN B 238 13.27 -12.85 14.75
C GLN B 238 12.01 -12.07 15.19
N LEU B 239 12.04 -11.52 16.39
CA LEU B 239 10.97 -10.66 16.86
C LEU B 239 11.29 -9.25 16.33
N THR B 240 10.50 -8.80 15.37
CA THR B 240 10.68 -7.47 14.78
C THR B 240 9.87 -6.38 15.50
N GLU B 241 8.54 -6.58 15.53
CA GLU B 241 7.60 -5.57 16.03
C GLU B 241 6.32 -6.18 16.57
N VAL B 242 5.64 -5.41 17.40
CA VAL B 242 4.36 -5.80 18.00
C VAL B 242 3.29 -4.87 17.47
N GLY B 243 2.34 -5.41 16.71
CA GLY B 243 1.29 -4.61 16.13
C GLY B 243 1.90 -3.45 15.39
N THR B 244 1.62 -2.25 15.87
CA THR B 244 2.25 -1.05 15.32
C THR B 244 3.25 -0.46 16.33
N MET B 245 3.86 -1.31 17.14
CA MET B 245 4.80 -0.87 18.15
C MET B 245 6.18 -1.52 17.96
N ASN B 246 7.23 -0.81 18.32
CA ASN B 246 8.57 -1.41 18.33
C ASN B 246 8.66 -2.31 19.56
N ILE B 247 9.55 -3.29 19.55
CA ILE B 247 9.61 -4.24 20.65
C ILE B 247 10.90 -4.13 21.43
N PHE B 248 10.77 -4.17 22.75
CA PHE B 248 11.87 -4.13 23.68
C PHE B 248 11.84 -5.31 24.64
N VAL B 249 13.03 -5.85 24.93
CA VAL B 249 13.17 -6.88 25.95
C VAL B 249 14.24 -6.49 26.97
N TYR B 250 13.86 -6.53 28.23
CA TYR B 250 14.75 -6.27 29.35
C TYR B 250 15.06 -7.62 29.96
N TRP B 251 16.28 -8.08 29.77
CA TRP B 251 16.68 -9.38 30.28
C TRP B 251 18.14 -9.42 30.73
N THR B 252 18.49 -10.49 31.43
CA THR B 252 19.89 -10.82 31.67
C THR B 252 20.23 -11.67 30.47
N HIS B 253 21.26 -11.28 29.72
CA HIS B 253 21.62 -11.93 28.47
C HIS B 253 22.46 -13.20 28.69
N GLU B 254 22.69 -13.93 27.59
CA GLU B 254 23.51 -15.17 27.59
C GLU B 254 24.90 -15.04 28.21
N ASP B 255 25.41 -13.82 28.30
CA ASP B 255 26.73 -13.58 28.90
C ASP B 255 26.58 -13.03 30.34
N GLY B 256 25.45 -13.33 30.97
CA GLY B 256 25.19 -12.88 32.34
C GLY B 256 25.05 -11.39 32.54
N VAL B 257 25.00 -10.60 31.47
CA VAL B 257 24.90 -9.14 31.62
C VAL B 257 23.46 -8.62 31.49
N LEU B 258 23.08 -7.73 32.39
CA LEU B 258 21.75 -7.15 32.36
C LEU B 258 21.69 -6.15 31.21
N GLU B 259 20.70 -6.29 30.34
CA GLU B 259 20.56 -5.41 29.18
C GLU B 259 19.14 -5.13 28.70
N LEU B 260 19.04 -4.04 27.95
CA LEU B 260 17.82 -3.65 27.27
C LEU B 260 18.13 -3.76 25.80
N VAL B 261 17.42 -4.64 25.11
CA VAL B 261 17.63 -4.85 23.70
C VAL B 261 16.35 -4.56 22.90
N THR B 262 16.54 -4.07 21.68
CA THR B 262 15.47 -3.85 20.71
C THR B 262 16.09 -4.17 19.36
N PRO B 263 15.28 -4.65 18.40
CA PRO B 263 15.92 -5.06 17.15
C PRO B 263 16.52 -3.87 16.45
N PRO B 264 17.59 -4.08 15.69
CA PRO B 264 18.23 -2.98 15.00
C PRO B 264 17.49 -2.56 13.74
N LEU B 265 17.83 -1.39 13.21
CA LEU B 265 17.17 -0.85 12.02
C LEU B 265 17.80 -1.39 10.75
N ASN B 266 17.46 -2.63 10.43
CA ASN B 266 18.00 -3.36 9.28
C ASN B 266 17.05 -3.37 8.08
N GLY B 267 15.96 -2.60 8.16
CA GLY B 267 15.01 -2.52 7.05
C GLY B 267 13.59 -2.93 7.37
N VAL B 268 13.42 -3.96 8.18
CA VAL B 268 12.07 -4.44 8.54
C VAL B 268 11.52 -3.79 9.80
N ILE B 269 12.26 -2.87 10.40
CA ILE B 269 11.81 -2.16 11.61
C ILE B 269 11.48 -0.70 11.31
N LEU B 270 10.33 -0.22 11.76
CA LEU B 270 9.97 1.19 11.64
C LEU B 270 10.74 1.95 12.73
N PRO B 271 11.49 3.00 12.37
CA PRO B 271 12.25 3.69 13.40
C PRO B 271 11.40 4.57 14.27
N GLY B 272 10.82 3.99 15.31
CA GLY B 272 9.95 4.72 16.19
C GLY B 272 10.66 5.84 16.93
N VAL B 273 9.90 6.90 17.19
CA VAL B 273 10.38 8.04 17.96
C VAL B 273 10.46 7.65 19.46
N VAL B 274 9.46 6.94 19.96
CA VAL B 274 9.48 6.48 21.34
C VAL B 274 10.63 5.49 21.50
N ARG B 275 10.75 4.52 20.60
CA ARG B 275 11.89 3.58 20.60
C ARG B 275 13.24 4.29 20.79
N GLN B 276 13.50 5.31 20.00
CA GLN B 276 14.75 6.03 20.07
C GLN B 276 14.80 6.71 21.43
N SER B 277 13.69 7.29 21.85
CA SER B 277 13.65 7.98 23.12
C SER B 277 13.96 7.04 24.29
N LEU B 278 13.46 5.81 24.21
CA LEU B 278 13.74 4.85 25.25
C LEU B 278 15.22 4.41 25.20
N LEU B 279 15.77 4.31 24.00
CA LEU B 279 17.19 3.97 23.88
C LEU B 279 17.97 5.10 24.50
N ASP B 280 17.66 6.32 24.09
CA ASP B 280 18.34 7.50 24.56
C ASP B 280 18.34 7.56 26.09
N MET B 281 17.15 7.48 26.65
CA MET B 281 16.89 7.63 28.08
C MET B 281 17.67 6.62 28.92
N ALA B 282 17.74 5.38 28.44
CA ALA B 282 18.40 4.31 29.15
C ALA B 282 19.93 4.48 29.09
N GLN B 283 20.45 4.84 27.92
CA GLN B 283 21.88 5.13 27.80
C GLN B 283 22.29 6.17 28.84
N THR B 284 21.53 7.26 28.91
CA THR B 284 21.83 8.40 29.79
C THR B 284 21.96 7.97 31.26
N TRP B 285 21.18 6.97 31.65
CA TRP B 285 21.21 6.42 32.99
C TRP B 285 22.52 5.68 33.31
N GLY B 286 23.09 5.01 32.33
CA GLY B 286 24.33 4.25 32.52
C GLY B 286 24.24 3.09 33.52
N GLU B 287 23.03 2.69 33.88
CA GLU B 287 22.82 1.66 34.90
C GLU B 287 22.87 0.24 34.34
N PHE B 288 22.60 0.06 33.05
CA PHE B 288 22.67 -1.26 32.38
C PHE B 288 22.99 -1.14 30.89
N ARG B 289 23.32 -2.28 30.28
CA ARG B 289 23.66 -2.27 28.86
C ARG B 289 22.44 -2.00 27.97
N VAL B 290 22.65 -1.23 26.91
CA VAL B 290 21.60 -0.84 25.97
C VAL B 290 22.11 -1.19 24.59
N VAL B 291 21.45 -2.11 23.93
CA VAL B 291 21.94 -2.56 22.67
C VAL B 291 20.82 -2.75 21.62
N GLU B 292 21.22 -2.63 20.37
CA GLU B 292 20.36 -2.92 19.24
C GLU B 292 20.89 -4.22 18.66
N ARG B 293 20.13 -5.29 18.85
CA ARG B 293 20.50 -6.60 18.38
C ARG B 293 19.26 -7.43 18.03
N THR B 294 19.42 -8.23 16.99
CA THR B 294 18.44 -9.23 16.61
C THR B 294 17.98 -10.10 17.82
N ILE B 295 16.67 -10.32 17.92
CA ILE B 295 16.09 -11.17 19.01
C ILE B 295 15.31 -12.33 18.36
N THR B 296 15.67 -13.56 18.67
CA THR B 296 15.01 -14.73 18.08
C THR B 296 14.13 -15.38 19.12
N MET B 297 13.15 -16.16 18.67
CA MET B 297 12.28 -16.92 19.58
C MET B 297 13.13 -17.91 20.37
N LYS B 298 14.03 -18.58 19.67
CA LYS B 298 14.98 -19.49 20.29
C LYS B 298 15.58 -18.82 21.53
N GLN B 299 16.17 -17.63 21.35
CA GLN B 299 16.75 -16.89 22.48
C GLN B 299 15.74 -16.54 23.54
N LEU B 300 14.53 -16.17 23.16
CA LEU B 300 13.56 -15.75 24.16
C LEU B 300 13.09 -16.97 24.99
N LEU B 301 12.81 -18.10 24.34
CA LEU B 301 12.45 -19.33 25.06
C LEU B 301 13.50 -19.71 26.12
N ARG B 302 14.76 -19.87 25.69
CA ARG B 302 15.86 -20.20 26.63
C ARG B 302 15.85 -19.22 27.81
N ALA B 303 15.89 -17.92 27.50
CA ALA B 303 15.87 -16.89 28.51
C ALA B 303 14.69 -17.05 29.49
N LEU B 304 13.50 -17.36 28.96
CA LEU B 304 12.33 -17.52 29.84
C LEU B 304 12.47 -18.77 30.70
N GLU B 305 12.96 -19.87 30.11
CA GLU B 305 13.13 -21.12 30.86
C GLU B 305 14.16 -20.97 31.96
N GLU B 306 15.20 -20.19 31.69
CA GLU B 306 16.25 -19.92 32.68
C GLU B 306 15.92 -18.73 33.58
N GLY B 307 14.76 -18.12 33.40
CA GLY B 307 14.32 -17.01 34.24
C GLY B 307 15.11 -15.71 34.09
N ARG B 308 15.72 -15.49 32.93
CA ARG B 308 16.54 -14.28 32.73
C ARG B 308 15.74 -13.09 32.16
N VAL B 309 14.46 -13.32 31.82
CA VAL B 309 13.61 -12.28 31.25
C VAL B 309 12.86 -11.53 32.32
N ARG B 310 13.00 -10.21 32.34
CA ARG B 310 12.23 -9.39 33.27
C ARG B 310 10.99 -8.76 32.66
N GLU B 311 11.15 -8.09 31.52
CA GLU B 311 10.02 -7.38 30.92
C GLU B 311 10.07 -7.45 29.41
N VAL B 312 8.89 -7.55 28.80
CA VAL B 312 8.77 -7.37 27.38
C VAL B 312 7.75 -6.28 27.19
N PHE B 313 8.00 -5.39 26.26
CA PHE B 313 7.03 -4.35 26.01
C PHE B 313 7.18 -3.77 24.62
N GLY B 314 6.11 -3.13 24.17
CA GLY B 314 6.15 -2.45 22.92
C GLY B 314 6.25 -0.99 23.21
N SER B 315 6.74 -0.22 22.24
CA SER B 315 6.79 1.23 22.30
C SER B 315 6.13 1.88 21.05
N GLY B 316 5.55 3.06 21.22
CA GLY B 316 4.99 3.80 20.09
C GLY B 316 4.21 4.98 20.62
N THR B 317 3.88 5.93 19.75
CA THR B 317 3.18 7.15 20.17
C THR B 317 1.83 6.93 20.86
N ALA B 318 1.00 6.03 20.36
CA ALA B 318 -0.35 5.77 20.90
C ALA B 318 -0.32 5.12 22.28
N CYS B 319 0.53 4.10 22.45
CA CYS B 319 0.59 3.38 23.71
C CYS B 319 1.68 3.91 24.65
N GLN B 320 2.65 4.62 24.08
CA GLN B 320 3.86 5.02 24.80
C GLN B 320 4.64 3.72 25.13
N VAL B 321 4.29 3.02 26.21
CA VAL B 321 4.98 1.79 26.60
C VAL B 321 3.92 0.76 27.00
N CYS B 322 3.88 -0.38 26.29
CA CYS B 322 2.84 -1.37 26.48
C CYS B 322 3.38 -2.68 26.99
N PRO B 323 2.98 -3.09 28.20
CA PRO B 323 3.49 -4.34 28.73
C PRO B 323 2.98 -5.55 28.00
N VAL B 324 3.84 -6.56 27.87
CA VAL B 324 3.51 -7.86 27.26
C VAL B 324 3.61 -8.93 28.33
N HIS B 325 2.62 -9.81 28.40
CA HIS B 325 2.59 -10.87 29.41
C HIS B 325 2.31 -12.28 28.86
N ARG B 326 2.03 -12.40 27.57
CA ARG B 326 1.75 -13.72 26.97
C ARG B 326 1.97 -13.69 25.47
N ILE B 327 2.65 -14.72 24.97
CA ILE B 327 2.86 -14.88 23.55
C ILE B 327 2.40 -16.27 23.15
N LEU B 328 1.45 -16.34 22.23
CA LEU B 328 0.96 -17.61 21.70
C LEU B 328 1.86 -18.02 20.53
N TYR B 329 2.77 -18.94 20.81
CA TYR B 329 3.74 -19.41 19.81
C TYR B 329 3.69 -20.92 19.58
N LYS B 330 3.63 -21.33 18.32
CA LYS B 330 3.52 -22.76 17.97
C LYS B 330 2.37 -23.40 18.76
N ASP B 331 1.21 -22.73 18.73
CA ASP B 331 -0.02 -23.19 19.39
C ASP B 331 0.03 -23.27 20.93
N ARG B 332 1.16 -22.97 21.56
CA ARG B 332 1.27 -22.97 23.02
C ARG B 332 1.62 -21.58 23.61
N ASN B 333 0.95 -21.20 24.69
CA ASN B 333 1.16 -19.91 25.34
C ASN B 333 2.46 -19.82 26.15
N LEU B 334 3.22 -18.75 25.95
CA LEU B 334 4.44 -18.47 26.69
C LEU B 334 4.09 -17.39 27.65
N HIS B 335 4.32 -17.61 28.94
CA HIS B 335 4.04 -16.56 29.91
C HIS B 335 5.23 -15.64 29.92
N ILE B 336 4.98 -14.34 30.11
CA ILE B 336 6.06 -13.34 30.13
C ILE B 336 5.91 -12.58 31.43
N PRO B 337 6.93 -12.67 32.31
CA PRO B 337 6.81 -12.14 33.67
C PRO B 337 6.94 -10.62 33.78
N THR B 338 6.59 -9.91 32.72
CA THR B 338 6.68 -8.46 32.75
C THR B 338 6.02 -7.91 34.01
N MET B 339 4.75 -8.24 34.20
CA MET B 339 3.98 -7.66 35.33
C MET B 339 4.46 -8.10 36.73
N GLU B 340 5.03 -9.29 36.82
CA GLU B 340 5.58 -9.77 38.08
C GLU B 340 6.72 -8.88 38.52
N ASN B 341 7.45 -8.38 37.52
CA ASN B 341 8.66 -7.64 37.74
C ASN B 341 8.46 -6.14 37.83
N GLY B 342 7.29 -5.77 38.34
CA GLY B 342 6.94 -4.39 38.59
C GLY B 342 5.73 -3.93 37.82
N PRO B 343 5.87 -3.68 36.51
CA PRO B 343 7.08 -3.75 35.71
C PRO B 343 7.93 -2.50 35.94
N GLU B 344 9.10 -2.69 36.55
CA GLU B 344 9.95 -1.59 37.00
C GLU B 344 10.46 -0.74 35.87
N LEU B 345 11.11 -1.36 34.89
CA LEU B 345 11.66 -0.56 33.81
C LEU B 345 10.55 0.23 33.11
N ILE B 346 9.45 -0.45 32.84
CA ILE B 346 8.31 0.16 32.20
C ILE B 346 7.79 1.32 33.00
N LEU B 347 7.54 1.11 34.29
CA LEU B 347 6.96 2.20 35.09
C LEU B 347 7.90 3.37 35.19
N ARG B 348 9.20 3.09 35.16
CA ARG B 348 10.23 4.13 35.24
C ARG B 348 10.26 4.88 33.92
N PHE B 349 10.20 4.15 32.81
CA PHE B 349 10.12 4.84 31.52
C PHE B 349 8.90 5.72 31.43
N GLN B 350 7.76 5.19 31.86
CA GLN B 350 6.51 5.96 31.78
C GLN B 350 6.59 7.25 32.61
N LYS B 351 7.15 7.13 33.81
CA LYS B 351 7.24 8.28 34.68
C LYS B 351 8.05 9.43 34.07
N GLU B 352 9.26 9.13 33.58
CA GLU B 352 10.14 10.17 33.01
C GLU B 352 9.58 10.78 31.74
N LEU B 353 9.04 9.94 30.85
CA LEU B 353 8.37 10.41 29.65
C LEU B 353 7.22 11.33 30.02
N LYS B 354 6.44 10.96 31.04
CA LYS B 354 5.35 11.79 31.51
C LYS B 354 5.89 13.11 32.06
N GLU B 355 6.93 13.03 32.89
CA GLU B 355 7.50 14.24 33.47
C GLU B 355 7.99 15.20 32.33
N ILE B 356 8.64 14.63 31.33
CA ILE B 356 9.11 15.40 30.20
C ILE B 356 7.97 15.95 29.35
N GLN B 357 7.09 15.08 28.91
CA GLN B 357 5.96 15.47 28.04
C GLN B 357 5.02 16.50 28.66
N TYR B 358 4.70 16.37 29.94
CA TYR B 358 3.86 17.33 30.64
C TYR B 358 4.63 18.54 31.29
N GLY B 359 5.90 18.74 30.90
CA GLY B 359 6.70 19.90 31.32
C GLY B 359 7.30 19.92 32.73
N ILE B 360 7.11 18.82 33.46
CA ILE B 360 7.55 18.73 34.82
C ILE B 360 9.07 18.93 34.86
N ARG B 361 9.77 18.25 33.98
CA ARG B 361 11.19 18.50 33.76
C ARG B 361 11.31 19.19 32.43
N ALA B 362 12.02 20.30 32.40
CA ALA B 362 12.28 21.00 31.16
C ALA B 362 13.21 20.13 30.35
N HIS B 363 13.06 20.14 29.02
CA HIS B 363 13.83 19.23 28.16
C HIS B 363 13.80 19.64 26.68
N GLU B 364 14.95 19.51 26.02
CA GLU B 364 15.13 19.89 24.61
C GLU B 364 14.23 19.08 23.64
N TRP B 365 13.71 17.95 24.10
CA TRP B 365 12.82 17.09 23.32
C TRP B 365 11.44 17.71 23.10
N MET B 366 11.04 18.64 23.95
CA MET B 366 9.71 19.20 23.85
C MET B 366 9.78 20.46 23.03
N PHE B 367 8.73 20.66 22.24
CA PHE B 367 8.59 21.78 21.33
C PHE B 367 7.30 22.45 21.74
N PRO B 368 7.39 23.71 22.18
CA PRO B 368 6.19 24.35 22.66
C PRO B 368 5.34 24.96 21.57
N VAL B 369 4.03 24.80 21.71
CA VAL B 369 3.04 25.41 20.85
C VAL B 369 2.65 26.80 21.40
#